data_6M3Z
#
_entry.id   6M3Z
#
_cell.length_a   96.997
_cell.length_b   141.599
_cell.length_c   168.249
_cell.angle_alpha   90.000
_cell.angle_beta   90.000
_cell.angle_gamma   90.000
#
_symmetry.space_group_name_H-M   'P 21 21 21'
#
loop_
_entity.id
_entity.type
_entity.pdbx_description
1 polymer 'Sodium-dependent dopamine transporter'
2 polymer 'Antibody fragment 9D5 Light chain'
3 polymer 'Antibody fragment 9D5 heavy chain'
4 branched alpha-D-glucopyranose-(1-4)-alpha-D-glucopyranose
5 non-polymer (1R,2S)-2-(aminomethyl)-N,N-diethyl-1-phenyl-cyclopropane-1-carboxamide
6 non-polymer GLYCEROL
7 non-polymer DECANE
8 non-polymer 'CHLORIDE ION'
9 non-polymer 'SODIUM ION'
10 non-polymer 'CHOLESTEROL HEMISUCCINATE'
11 non-polymer CHOLESTEROL
12 water water
#
loop_
_entity_poly.entity_id
_entity_poly.type
_entity_poly.pdbx_seq_one_letter_code
_entity_poly.pdbx_strand_id
1 'polypeptide(L)'
;DERETWSGKVDFLLSVIGFAVDLANVWRFPYLCYKNGGGAFLVPYGIMLAVGGIPLFYMELALGQHNRKGAITCWGRLVP
LFKGIGYAVVLIAFYVGFYYNVIIAWSLRFFFASFTNSLPWTSCNNIWNTPNCRPFEGHVEGFQSAASEYFNRYILELNR
SEGIHDLGAIKWDMALCLLIVYLICYFSLWKGISTSGKVVWFTALFPYAVLLILLIRGLTLPGSFLGIQYYLTPNFSAIY
KAEVWVDAATQVFFSLGPGFGVLLAYASYNKYHNNVYKDALLTSFINSATSFIAGFVIFSVLGYMAHTLGVRIEDVATEG
PGLVFVVYPAAIATMPASTFWALIFFMMLATLGLDSSFGGMEAIITALSDEFPKIKRNRELFVAGLFSLYFVVGLASCTQ
GGFYFLHLLDRYAAGYSILVAVFFEAIAVSWIYGTNRFSEDIRDMIGFPPGRYWQVCWRFVAPIFLLFITVYGLIGYEPL
TYADYVYPSWANALGWCIAGSSVVMIPAVAIFKLLSTPGSLRQRFTILTTPWRDQQ
;
A
2 'polypeptide(L)'
;ENVLTQSPAIMSTSPGEKVTMTCRASSSVGSSYLHWYQQKSGASPKLWIYSTSNLASGVPARFSGSGSGTSYSLTISSVE
AEDAATYYCQQFSGYPLTFGSGTKLEMKRADAAPTVSIFPPSSEQLTSGGASVVCFLNNFYPKDINVKWKIDGSERQNGV
LNSWTDQDSKDSTYSMSSTLTLTKDEYERHNSYTCEATHKTSTSPIVKSFNRNE
;
L
3 'polypeptide(L)'
;EVQLVESGGGLVKPGGSLKLSCAASGFTFSSYAMSWVRQSPEKRLEWVAEISSGGRYIYYSDTVTGRFTISRDNARNILH
LEMSSLRSEDTAMYYCARGEVRQRGFDYWGQGTTLTVSSAKTTAPSVYPLAPVCGDTTGSSVTLGCLVKGYFPEPVTLTW
NSGSLSSGVHTFPAVLQSDLYTLSSSVTVTSSTWPSQSITCNVAHPASSTKVDKKIEPR
;
H
#
# COMPACT_ATOMS: atom_id res chain seq x y z
N ASP A 1 14.77 4.90 16.48
CA ASP A 1 14.56 3.59 15.86
C ASP A 1 13.34 2.88 16.46
N GLU A 2 13.55 2.20 17.58
CA GLU A 2 12.49 1.42 18.24
C GLU A 2 11.68 2.34 19.14
N ARG A 3 10.81 3.11 18.50
CA ARG A 3 9.86 3.94 19.21
C ARG A 3 8.55 3.18 19.37
N GLU A 4 7.68 3.71 20.23
CA GLU A 4 6.47 3.06 20.71
C GLU A 4 5.50 2.73 19.58
N THR A 5 4.56 1.86 19.89
CA THR A 5 3.55 1.49 18.92
C THR A 5 2.24 1.20 19.66
N TRP A 6 1.12 1.56 19.03
CA TRP A 6 -0.18 1.40 19.67
C TRP A 6 -0.32 -0.02 20.16
N SER A 7 -0.56 -0.16 21.46
CA SER A 7 -0.82 -1.47 22.05
C SER A 7 -1.87 -2.24 21.24
N GLY A 8 -2.90 -1.56 20.76
CA GLY A 8 -3.84 -2.18 19.83
C GLY A 8 -4.15 -1.25 18.67
N LYS A 9 -4.63 -1.85 17.57
CA LYS A 9 -4.97 -1.06 16.39
C LYS A 9 -6.22 -0.20 16.62
N VAL A 10 -7.17 -0.68 17.42
CA VAL A 10 -8.33 0.14 17.77
C VAL A 10 -7.93 1.38 18.58
N ASP A 11 -6.90 1.26 19.43
CA ASP A 11 -6.47 2.44 20.18
C ASP A 11 -6.16 3.60 19.23
N PHE A 12 -5.51 3.31 18.11
CA PHE A 12 -5.23 4.34 17.12
C PHE A 12 -6.51 4.89 16.52
N LEU A 13 -7.41 4.01 16.09
CA LEU A 13 -8.57 4.49 15.37
C LEU A 13 -9.45 5.34 16.27
N LEU A 14 -9.66 4.90 17.52
CA LEU A 14 -10.49 5.67 18.44
C LEU A 14 -9.83 7.01 18.78
N SER A 15 -8.51 7.01 18.99
CA SER A 15 -7.81 8.27 19.14
C SER A 15 -8.00 9.20 17.95
N VAL A 16 -8.17 8.67 16.74
CA VAL A 16 -8.43 9.55 15.60
C VAL A 16 -9.94 9.81 15.44
N ILE A 17 -10.79 8.79 15.56
CA ILE A 17 -12.25 8.98 15.54
C ILE A 17 -12.63 10.02 16.60
N GLY A 18 -11.95 9.97 17.75
CA GLY A 18 -12.22 10.85 18.87
C GLY A 18 -11.73 12.26 18.67
N PHE A 19 -10.50 12.43 18.17
CA PHE A 19 -9.97 13.77 17.90
C PHE A 19 -10.85 14.49 16.88
N ALA A 20 -11.40 13.75 15.92
CA ALA A 20 -12.15 14.39 14.85
C ALA A 20 -13.58 14.75 15.25
N VAL A 21 -14.17 14.11 16.26
CA VAL A 21 -15.59 14.29 16.58
C VAL A 21 -15.73 15.07 17.90
N ASP A 22 -16.22 16.31 17.81
CA ASP A 22 -16.39 17.22 18.95
C ASP A 22 -17.69 18.02 18.75
N LEU A 23 -17.84 19.12 19.53
CA LEU A 23 -19.09 19.88 19.52
C LEU A 23 -19.42 20.46 18.13
N ALA A 24 -18.38 20.76 17.32
CA ALA A 24 -18.65 21.30 15.99
C ALA A 24 -19.47 20.35 15.11
N ASN A 25 -19.37 19.03 15.33
CA ASN A 25 -20.25 18.08 14.67
C ASN A 25 -21.70 18.21 15.11
N VAL A 26 -21.97 18.78 16.29
CA VAL A 26 -23.31 18.92 16.83
C VAL A 26 -23.87 20.32 16.62
N TRP A 27 -23.12 21.36 17.04
CA TRP A 27 -23.67 22.72 17.07
C TRP A 27 -23.34 23.55 15.84
N ARG A 28 -22.89 22.92 14.75
CA ARG A 28 -22.50 23.64 13.53
C ARG A 28 -22.96 22.99 12.22
N PHE A 29 -22.84 21.66 12.09
CA PHE A 29 -23.22 21.01 10.83
C PHE A 29 -24.73 20.96 10.61
N PRO A 30 -25.55 20.41 11.51
CA PRO A 30 -27.01 20.51 11.36
C PRO A 30 -27.53 21.92 11.07
N TYR A 31 -26.91 22.97 11.64
CA TYR A 31 -27.37 24.31 11.32
C TYR A 31 -27.17 24.63 9.84
N LEU A 32 -26.01 24.25 9.29
CA LEU A 32 -25.69 24.48 7.88
C LEU A 32 -26.67 23.75 6.96
N CYS A 33 -26.97 22.48 7.25
CA CYS A 33 -28.04 21.80 6.52
C CYS A 33 -29.33 22.59 6.61
N TYR A 34 -29.64 23.11 7.81
CA TYR A 34 -30.89 23.84 7.99
C TYR A 34 -30.89 25.12 7.16
N LYS A 35 -29.80 25.88 7.21
CA LYS A 35 -29.68 27.15 6.51
C LYS A 35 -29.63 27.00 5.00
N ASN A 36 -28.90 25.99 4.50
CA ASN A 36 -28.56 25.89 3.07
C ASN A 36 -29.36 24.84 2.32
N GLY A 37 -30.67 24.81 2.47
CA GLY A 37 -31.48 23.93 1.64
C GLY A 37 -31.40 22.44 1.93
N GLY A 38 -31.26 22.04 3.20
CA GLY A 38 -31.43 20.65 3.61
C GLY A 38 -30.49 19.69 2.90
N GLY A 39 -31.05 18.51 2.53
CA GLY A 39 -30.27 17.51 1.80
C GLY A 39 -29.39 18.07 0.69
N ALA A 40 -29.90 19.04 -0.08
CA ALA A 40 -29.11 19.62 -1.16
C ALA A 40 -27.73 20.08 -0.72
N PHE A 41 -27.59 20.53 0.54
CA PHE A 41 -26.30 20.95 1.07
C PHE A 41 -25.28 19.82 1.09
N LEU A 42 -25.73 18.57 1.20
CA LEU A 42 -24.84 17.42 1.16
C LEU A 42 -24.07 17.33 -0.15
N VAL A 43 -24.60 17.89 -1.23
CA VAL A 43 -23.87 17.90 -2.49
C VAL A 43 -22.56 18.68 -2.29
N PRO A 44 -22.56 20.02 -2.19
CA PRO A 44 -21.26 20.70 -2.02
C PRO A 44 -20.44 20.18 -0.85
N TYR A 45 -21.09 19.78 0.26
CA TYR A 45 -20.32 19.32 1.41
C TYR A 45 -19.56 18.04 1.08
N GLY A 46 -20.20 17.11 0.35
CA GLY A 46 -19.50 15.92 -0.10
C GLY A 46 -18.41 16.20 -1.13
N ILE A 47 -18.70 17.06 -2.10
CA ILE A 47 -17.71 17.40 -3.12
C ILE A 47 -16.50 18.07 -2.46
N MET A 48 -16.75 18.98 -1.53
CA MET A 48 -15.65 19.60 -0.80
C MET A 48 -15.00 18.61 0.16
N LEU A 49 -15.75 17.62 0.63
CA LEU A 49 -15.17 16.58 1.47
C LEU A 49 -14.26 15.68 0.65
N ALA A 50 -14.71 15.30 -0.54
CA ALA A 50 -14.00 14.32 -1.36
C ALA A 50 -12.77 14.89 -2.05
N VAL A 51 -12.71 16.21 -2.29
CA VAL A 51 -11.57 16.77 -3.01
C VAL A 51 -10.70 17.67 -2.14
N GLY A 52 -11.19 18.15 -0.99
CA GLY A 52 -10.37 18.97 -0.09
C GLY A 52 -10.01 18.26 1.20
N GLY A 53 -11.04 17.86 1.95
CA GLY A 53 -10.90 17.15 3.21
C GLY A 53 -10.16 15.83 3.19
N ILE A 54 -10.68 14.80 2.51
CA ILE A 54 -10.04 13.48 2.54
C ILE A 54 -8.65 13.50 1.93
N PRO A 55 -8.39 14.24 0.84
CA PRO A 55 -6.97 14.36 0.41
C PRO A 55 -6.03 14.83 1.50
N LEU A 56 -6.38 15.90 2.22
CA LEU A 56 -5.47 16.41 3.25
C LEU A 56 -5.43 15.49 4.48
N PHE A 57 -6.54 14.80 4.76
CA PHE A 57 -6.57 13.83 5.85
C PHE A 57 -5.66 12.63 5.58
N TYR A 58 -5.73 12.07 4.38
CA TYR A 58 -4.84 10.98 3.96
C TYR A 58 -3.38 11.44 4.00
N MET A 59 -3.09 12.65 3.51
CA MET A 59 -1.72 13.13 3.40
C MET A 59 -0.99 13.16 4.74
N GLU A 60 -1.58 13.82 5.73
CA GLU A 60 -0.88 13.93 7.00
C GLU A 60 -0.80 12.60 7.73
N LEU A 61 -1.80 11.73 7.53
CA LEU A 61 -1.73 10.41 8.13
C LEU A 61 -0.57 9.61 7.55
N ALA A 62 -0.38 9.68 6.22
CA ALA A 62 0.75 9.04 5.57
C ALA A 62 2.10 9.57 6.09
N LEU A 63 2.30 10.89 6.02
CA LEU A 63 3.51 11.50 6.55
C LEU A 63 3.79 11.09 7.98
N GLY A 64 2.74 10.93 8.79
CA GLY A 64 2.95 10.53 10.18
C GLY A 64 3.46 9.12 10.30
N GLN A 65 2.79 8.19 9.61
CA GLN A 65 3.23 6.80 9.62
C GLN A 65 4.61 6.67 8.99
N HIS A 66 4.93 7.48 7.98
CA HIS A 66 6.13 7.22 7.18
C HIS A 66 7.40 7.77 7.82
N ASN A 67 7.35 8.98 8.37
CA ASN A 67 8.55 9.62 8.88
C ASN A 67 8.79 9.37 10.34
N ARG A 68 7.82 8.78 11.04
CA ARG A 68 8.01 8.22 12.38
C ARG A 68 8.44 9.27 13.43
N LYS A 69 8.04 10.54 13.25
CA LYS A 69 8.44 11.62 14.16
C LYS A 69 7.30 12.63 14.28
N GLY A 70 7.28 13.39 15.39
CA GLY A 70 6.36 14.51 15.62
C GLY A 70 6.50 15.64 14.61
N ALA A 71 5.73 16.74 14.75
CA ALA A 71 5.50 17.63 13.60
C ALA A 71 6.72 18.48 13.23
N ILE A 72 7.54 18.86 14.22
CA ILE A 72 8.72 19.69 13.98
C ILE A 72 9.79 18.90 13.22
N THR A 73 10.27 17.80 13.83
CA THR A 73 11.27 16.92 13.21
C THR A 73 10.86 16.48 11.81
N CYS A 74 9.58 16.17 11.62
CA CYS A 74 9.10 15.59 10.38
C CYS A 74 9.17 16.58 9.23
N TRP A 75 8.54 17.74 9.37
CA TRP A 75 8.66 18.75 8.33
C TRP A 75 10.11 19.19 8.14
N GLY A 76 10.91 19.14 9.21
CA GLY A 76 12.33 19.41 9.08
C GLY A 76 13.07 18.38 8.24
N ARG A 77 12.51 17.17 8.12
CA ARG A 77 13.14 16.11 7.35
C ARG A 77 12.60 15.98 5.94
N LEU A 78 11.40 16.51 5.65
CA LEU A 78 10.92 16.54 4.26
C LEU A 78 11.58 17.66 3.48
N VAL A 79 11.42 18.89 3.96
CA VAL A 79 11.95 20.09 3.32
C VAL A 79 12.54 20.91 4.46
N PRO A 80 13.84 20.82 4.73
CA PRO A 80 14.41 21.52 5.91
C PRO A 80 14.27 23.04 5.86
N LEU A 81 14.24 23.64 4.66
CA LEU A 81 13.94 25.07 4.54
C LEU A 81 12.60 25.42 5.20
N PHE A 82 11.60 24.55 5.06
CA PHE A 82 10.27 24.75 5.61
C PHE A 82 10.06 24.05 6.94
N LYS A 83 11.13 23.84 7.72
CA LYS A 83 10.98 23.22 9.03
C LYS A 83 10.08 24.04 9.93
N GLY A 84 9.93 25.34 9.65
CA GLY A 84 9.14 26.20 10.51
C GLY A 84 7.66 25.89 10.51
N ILE A 85 7.16 25.30 9.42
CA ILE A 85 5.79 24.79 9.37
C ILE A 85 5.49 23.94 10.59
N GLY A 86 6.44 23.09 10.99
CA GLY A 86 6.24 22.32 12.20
C GLY A 86 6.16 23.19 13.44
N TYR A 87 7.06 24.17 13.54
CA TYR A 87 7.06 25.03 14.70
C TYR A 87 5.73 25.80 14.80
N ALA A 88 5.27 26.35 13.67
CA ALA A 88 4.04 27.13 13.65
C ALA A 88 2.84 26.33 14.14
N VAL A 89 2.71 25.08 13.67
CA VAL A 89 1.56 24.25 13.97
C VAL A 89 1.49 23.91 15.46
N VAL A 90 2.65 23.66 16.09
CA VAL A 90 2.66 23.38 17.53
C VAL A 90 2.19 24.59 18.33
N LEU A 91 2.58 25.80 17.90
CA LEU A 91 2.07 27.02 18.54
C LEU A 91 0.57 27.15 18.41
N ILE A 92 0.04 27.03 17.17
CA ILE A 92 -1.39 27.19 16.93
C ILE A 92 -2.19 26.25 17.82
N ALA A 93 -1.69 25.02 17.98
CA ALA A 93 -2.35 24.06 18.87
C ALA A 93 -2.15 24.44 20.34
N PHE A 94 -0.98 25.01 20.67
CA PHE A 94 -0.75 25.50 22.02
C PHE A 94 -1.75 26.60 22.37
N TYR A 95 -2.01 27.51 21.44
CA TYR A 95 -2.95 28.61 21.69
C TYR A 95 -4.35 28.11 21.93
N VAL A 96 -4.85 27.24 21.04
CA VAL A 96 -6.22 26.71 21.09
C VAL A 96 -6.52 26.10 22.45
N GLY A 97 -5.51 25.55 23.13
CA GLY A 97 -5.70 25.03 24.46
C GLY A 97 -6.17 26.08 25.46
N PHE A 98 -5.93 27.36 25.19
CA PHE A 98 -6.26 28.40 26.16
C PHE A 98 -7.73 28.74 26.19
N TYR A 99 -8.52 28.22 25.24
CA TYR A 99 -9.96 28.44 25.20
C TYR A 99 -10.76 27.18 24.93
N TYR A 100 -10.14 26.11 24.41
CA TYR A 100 -10.94 24.92 24.04
C TYR A 100 -11.39 24.13 25.25
N ASN A 101 -10.51 23.97 26.24
CA ASN A 101 -10.88 23.29 27.48
C ASN A 101 -11.87 24.07 28.31
N VAL A 102 -11.97 25.38 28.12
CA VAL A 102 -12.87 26.13 28.99
C VAL A 102 -14.31 25.77 28.64
N ILE A 103 -14.57 25.29 27.43
CA ILE A 103 -15.91 24.85 27.03
C ILE A 103 -16.23 23.45 27.54
N ILE A 104 -15.20 22.65 27.86
CA ILE A 104 -15.46 21.37 28.52
C ILE A 104 -15.91 21.61 29.95
N ALA A 105 -15.33 22.61 30.61
CA ALA A 105 -15.77 22.99 31.95
C ALA A 105 -17.24 23.36 31.96
N TRP A 106 -17.66 24.24 31.04
CA TRP A 106 -19.06 24.60 30.89
C TRP A 106 -19.94 23.37 30.85
N SER A 107 -19.49 22.33 30.13
CA SER A 107 -20.27 21.09 30.08
C SER A 107 -20.29 20.40 31.44
N LEU A 108 -19.19 20.44 32.18
CA LEU A 108 -19.17 19.81 33.50
C LEU A 108 -19.91 20.66 34.53
N ARG A 109 -19.87 21.99 34.39
CA ARG A 109 -20.63 22.83 35.31
C ARG A 109 -22.12 22.53 35.19
N PHE A 110 -22.63 22.41 33.96
CA PHE A 110 -24.04 22.03 33.79
C PHE A 110 -24.28 20.58 34.16
N PHE A 111 -23.25 19.73 34.13
CA PHE A 111 -23.39 18.37 34.64
C PHE A 111 -23.57 18.39 36.15
N PHE A 112 -22.63 19.00 36.86
CA PHE A 112 -22.76 19.14 38.31
C PHE A 112 -23.95 20.03 38.67
N ALA A 113 -24.62 20.62 37.67
CA ALA A 113 -25.78 21.47 37.86
C ALA A 113 -27.08 20.71 37.68
N SER A 114 -27.04 19.57 36.99
CA SER A 114 -28.20 18.75 36.70
C SER A 114 -28.40 17.64 37.72
N PHE A 115 -27.82 17.78 38.91
CA PHE A 115 -28.11 16.81 39.98
C PHE A 115 -29.26 17.34 40.83
N THR A 116 -30.46 17.35 40.24
CA THR A 116 -31.60 17.95 40.93
C THR A 116 -32.91 17.49 40.31
N ASN A 117 -33.96 17.53 41.15
CA ASN A 117 -35.30 17.14 40.76
C ASN A 117 -35.90 18.13 39.78
N SER A 118 -35.59 19.40 39.95
CA SER A 118 -36.02 20.48 39.05
C SER A 118 -34.79 21.24 38.57
N LEU A 119 -34.42 21.00 37.31
CA LEU A 119 -33.31 21.69 36.67
C LEU A 119 -33.46 23.20 36.82
N PRO A 120 -32.38 23.93 37.14
CA PRO A 120 -32.51 25.36 37.45
C PRO A 120 -32.82 26.30 36.27
N TRP A 121 -32.65 25.88 35.03
CA TRP A 121 -32.67 26.80 33.90
C TRP A 121 -34.05 26.92 33.25
N THR A 122 -35.09 26.42 33.92
CA THR A 122 -36.39 26.35 33.27
C THR A 122 -37.35 27.47 33.67
N SER A 123 -37.06 28.21 34.74
CA SER A 123 -38.00 29.14 35.35
C SER A 123 -37.43 30.55 35.35
N CYS A 124 -38.29 31.56 35.24
CA CYS A 124 -37.87 32.95 35.12
C CYS A 124 -38.02 33.74 36.41
N ASN A 125 -38.22 33.06 37.54
CA ASN A 125 -38.40 33.70 38.83
C ASN A 125 -37.25 33.39 39.79
N ASN A 126 -36.03 33.37 39.27
CA ASN A 126 -34.84 33.30 40.09
C ASN A 126 -34.21 34.68 40.31
N ILE A 127 -33.17 34.71 41.17
CA ILE A 127 -32.48 35.96 41.46
C ILE A 127 -31.69 36.49 40.29
N TRP A 128 -31.30 35.63 39.35
CA TRP A 128 -30.46 36.07 38.23
C TRP A 128 -31.25 36.57 37.06
N ASN A 129 -32.57 36.31 37.00
CA ASN A 129 -33.44 36.66 35.88
C ASN A 129 -33.82 38.14 35.88
N THR A 130 -34.38 38.60 34.78
CA THR A 130 -34.74 39.98 34.58
C THR A 130 -36.24 40.04 34.31
N PRO A 131 -36.83 41.24 34.31
CA PRO A 131 -38.24 41.35 33.92
C PRO A 131 -38.49 41.01 32.48
N ASN A 132 -37.42 40.84 31.70
CA ASN A 132 -37.53 40.55 30.28
C ASN A 132 -37.09 39.12 30.06
N CYS A 133 -37.69 38.18 30.78
CA CYS A 133 -37.33 36.79 30.70
C CYS A 133 -38.53 36.05 30.14
N ARG A 134 -38.37 35.50 28.95
CA ARG A 134 -39.30 34.57 28.37
C ARG A 134 -38.91 33.14 28.76
N PRO A 135 -39.90 32.24 28.85
CA PRO A 135 -39.58 30.85 29.13
C PRO A 135 -38.87 30.13 28.01
N PHE A 136 -38.97 30.61 26.77
CA PHE A 136 -38.29 29.95 25.66
C PHE A 136 -37.71 30.99 24.71
N GLU A 137 -37.02 30.52 23.67
CA GLU A 137 -36.28 31.45 22.82
C GLU A 137 -37.23 32.37 22.07
N GLY A 138 -36.81 33.63 21.89
CA GLY A 138 -37.54 34.58 21.10
C GLY A 138 -36.65 35.20 20.00
N HIS A 139 -37.23 36.16 19.30
CA HIS A 139 -36.50 36.90 18.26
C HIS A 139 -36.40 38.39 18.55
N VAL A 140 -36.49 38.80 19.81
CA VAL A 140 -36.25 40.19 20.23
C VAL A 140 -35.11 40.19 21.25
N GLU A 141 -34.12 41.07 21.06
CA GLU A 141 -32.82 40.93 21.72
C GLU A 141 -32.88 41.24 23.20
N GLY A 142 -33.70 42.20 23.60
CA GLY A 142 -33.74 42.57 25.00
C GLY A 142 -34.50 41.59 25.89
N PHE A 143 -35.04 40.52 25.32
CA PHE A 143 -35.89 39.60 26.07
C PHE A 143 -35.39 38.16 25.85
N GLN A 144 -34.63 37.63 26.82
CA GLN A 144 -33.95 36.36 26.66
C GLN A 144 -34.74 35.23 27.31
N SER A 145 -34.30 33.99 27.05
CA SER A 145 -34.95 32.79 27.58
C SER A 145 -34.48 32.48 29.00
N ALA A 146 -35.28 31.68 29.71
CA ALA A 146 -34.85 31.28 31.05
C ALA A 146 -33.54 30.50 30.99
N ALA A 147 -33.25 29.85 29.86
CA ALA A 147 -31.96 29.19 29.72
C ALA A 147 -30.86 30.08 29.12
N SER A 148 -31.23 31.13 28.37
CA SER A 148 -30.22 32.10 28.02
C SER A 148 -29.84 32.94 29.23
N GLU A 149 -30.80 33.19 30.14
CA GLU A 149 -30.44 33.92 31.33
C GLU A 149 -29.75 33.05 32.37
N TYR A 150 -30.07 31.77 32.46
CA TYR A 150 -29.26 30.92 33.32
C TYR A 150 -27.80 30.93 32.85
N PHE A 151 -27.59 30.70 31.56
CA PHE A 151 -26.24 30.58 31.06
C PHE A 151 -25.45 31.90 31.17
N ASN A 152 -26.05 33.00 30.69
CA ASN A 152 -25.34 34.28 30.60
C ASN A 152 -25.35 35.05 31.91
N ARG A 153 -25.96 34.53 32.98
CA ARG A 153 -26.17 35.31 34.20
C ARG A 153 -25.90 34.56 35.49
N TYR A 154 -26.02 33.22 35.51
CA TYR A 154 -25.60 32.45 36.67
C TYR A 154 -24.28 31.72 36.43
N ILE A 155 -24.21 30.85 35.40
CA ILE A 155 -22.98 30.14 35.06
C ILE A 155 -21.85 31.12 34.76
N LEU A 156 -22.12 32.06 33.86
CA LEU A 156 -21.08 32.91 33.32
C LEU A 156 -20.87 34.21 34.07
N GLU A 157 -21.97 34.86 34.52
CA GLU A 157 -21.96 36.23 35.07
C GLU A 157 -21.38 37.22 34.06
N LEU A 158 -21.52 36.91 32.76
CA LEU A 158 -21.06 37.80 31.72
C LEU A 158 -21.68 39.19 31.82
N ASN A 159 -22.82 39.31 32.54
CA ASN A 159 -23.47 40.59 32.67
C ASN A 159 -22.65 41.60 33.46
N ARG A 160 -21.68 41.16 34.26
CA ARG A 160 -20.95 42.07 35.15
C ARG A 160 -19.62 42.54 34.55
N SER A 161 -19.47 42.46 33.22
CA SER A 161 -18.23 42.76 32.52
C SER A 161 -18.59 43.74 31.41
N GLU A 162 -17.99 44.95 31.45
CA GLU A 162 -18.25 45.96 30.45
C GLU A 162 -17.53 45.67 29.14
N GLY A 163 -16.78 44.59 29.08
CA GLY A 163 -15.99 44.26 27.91
C GLY A 163 -14.71 43.57 28.32
N ILE A 164 -13.79 43.51 27.35
CA ILE A 164 -12.62 42.63 27.50
C ILE A 164 -11.67 43.17 28.56
N HIS A 165 -11.65 44.50 28.73
CA HIS A 165 -10.81 45.13 29.74
C HIS A 165 -11.32 44.82 31.14
N ASP A 166 -12.60 44.52 31.27
CA ASP A 166 -13.22 44.26 32.57
C ASP A 166 -13.36 42.76 32.75
N LEU A 167 -12.37 42.13 33.37
CA LEU A 167 -12.52 40.72 33.71
C LEU A 167 -13.19 40.49 35.06
N GLY A 168 -13.06 41.41 36.02
CA GLY A 168 -13.76 41.15 37.28
C GLY A 168 -13.36 39.86 38.00
N ALA A 169 -14.31 39.30 38.77
CA ALA A 169 -14.00 38.25 39.73
C ALA A 169 -13.83 36.88 39.07
N ILE A 170 -12.94 36.07 39.66
CA ILE A 170 -12.77 34.68 39.25
C ILE A 170 -13.92 33.85 39.82
N LYS A 171 -14.71 33.22 38.95
CA LYS A 171 -15.71 32.28 39.42
C LYS A 171 -15.03 30.98 39.81
N TRP A 172 -14.80 30.78 41.11
CA TRP A 172 -14.11 29.57 41.53
C TRP A 172 -14.93 28.30 41.33
N ASP A 173 -16.27 28.38 41.23
CA ASP A 173 -17.03 27.19 40.83
C ASP A 173 -16.68 26.73 39.40
N MET A 174 -16.36 27.66 38.50
CA MET A 174 -15.90 27.31 37.16
C MET A 174 -14.42 26.96 37.13
N ALA A 175 -13.60 27.74 37.85
CA ALA A 175 -12.18 27.43 37.95
C ALA A 175 -11.93 26.04 38.54
N LEU A 176 -12.85 25.55 39.38
CA LEU A 176 -12.75 24.16 39.79
C LEU A 176 -13.02 23.22 38.62
N CYS A 177 -14.06 23.50 37.83
CA CYS A 177 -14.35 22.64 36.68
C CYS A 177 -13.20 22.61 35.66
N LEU A 178 -12.46 23.72 35.51
CA LEU A 178 -11.34 23.71 34.56
C LEU A 178 -10.21 22.82 35.06
N LEU A 179 -9.97 22.81 36.37
CA LEU A 179 -8.94 21.94 36.93
C LEU A 179 -9.33 20.46 36.75
N ILE A 180 -10.60 20.12 36.97
CA ILE A 180 -11.08 18.76 36.72
C ILE A 180 -10.82 18.36 35.28
N VAL A 181 -10.84 19.31 34.35
CA VAL A 181 -10.57 19.01 32.94
C VAL A 181 -9.10 18.67 32.72
N TYR A 182 -8.20 19.54 33.18
CA TYR A 182 -6.76 19.29 33.06
C TYR A 182 -6.30 18.13 33.94
N LEU A 183 -7.00 17.82 35.03
CA LEU A 183 -6.69 16.59 35.75
C LEU A 183 -7.02 15.38 34.89
N ILE A 184 -8.21 15.36 34.30
CA ILE A 184 -8.56 14.28 33.37
C ILE A 184 -7.56 14.20 32.22
N CYS A 185 -7.13 15.36 31.73
CA CYS A 185 -6.15 15.33 30.65
C CYS A 185 -4.78 14.85 31.12
N TYR A 186 -4.37 15.21 32.34
CA TYR A 186 -3.06 14.75 32.81
C TYR A 186 -3.02 13.23 32.96
N PHE A 187 -3.85 12.69 33.83
CA PHE A 187 -3.82 11.25 34.06
C PHE A 187 -4.31 10.42 32.85
N SER A 188 -4.67 11.01 31.69
CA SER A 188 -4.82 10.23 30.45
C SER A 188 -3.59 10.30 29.54
N LEU A 189 -2.69 11.26 29.73
CA LEU A 189 -1.60 11.42 28.78
C LEU A 189 -0.23 11.34 29.42
N TRP A 190 -0.13 11.14 30.74
CA TRP A 190 1.16 11.36 31.40
C TRP A 190 2.11 10.20 31.19
N LYS A 191 1.63 8.97 31.32
CA LYS A 191 2.49 7.81 31.17
C LYS A 191 2.54 7.32 29.72
N GLY A 192 2.12 8.15 28.77
CA GLY A 192 2.27 7.87 27.35
C GLY A 192 1.00 7.36 26.68
N ILE A 193 1.23 6.67 25.54
CA ILE A 193 0.16 6.24 24.63
C ILE A 193 -0.47 4.95 25.08
N SER A 194 0.32 4.05 25.67
CA SER A 194 -0.19 2.82 26.26
C SER A 194 -1.42 3.04 27.13
N THR A 195 -1.52 4.19 27.81
CA THR A 195 -2.68 4.55 28.62
C THR A 195 -3.70 5.43 27.86
N SER A 196 -3.21 6.49 27.22
CA SER A 196 -4.05 7.33 26.37
C SER A 196 -4.97 6.50 25.48
N GLY A 197 -4.38 5.67 24.61
CA GLY A 197 -5.10 4.83 23.67
C GLY A 197 -6.11 3.89 24.32
N LYS A 198 -6.17 3.87 25.65
CA LYS A 198 -7.22 3.15 26.36
C LYS A 198 -8.35 4.05 26.82
N VAL A 199 -8.03 5.28 27.24
CA VAL A 199 -9.09 6.20 27.68
C VAL A 199 -10.01 6.57 26.54
N VAL A 200 -9.47 6.62 25.31
CA VAL A 200 -10.31 6.95 24.16
C VAL A 200 -11.39 5.90 23.95
N TRP A 201 -11.21 4.71 24.53
CA TRP A 201 -12.26 3.70 24.43
C TRP A 201 -13.55 4.19 25.08
N PHE A 202 -13.45 4.96 26.17
CA PHE A 202 -14.64 5.54 26.77
C PHE A 202 -15.03 6.87 26.12
N THR A 203 -14.06 7.79 25.97
CA THR A 203 -14.38 9.14 25.51
C THR A 203 -14.77 9.19 24.04
N ALA A 204 -14.21 8.31 23.19
CA ALA A 204 -14.66 8.27 21.80
C ALA A 204 -15.98 7.51 21.63
N LEU A 205 -16.29 6.57 22.53
CA LEU A 205 -17.44 5.67 22.41
C LEU A 205 -18.66 6.13 23.19
N PHE A 206 -18.47 6.64 24.41
CA PHE A 206 -19.60 7.11 25.20
C PHE A 206 -20.56 8.00 24.43
N PRO A 207 -20.09 8.90 23.53
CA PRO A 207 -21.05 9.73 22.78
C PRO A 207 -21.99 8.93 21.92
N TYR A 208 -21.49 7.84 21.32
CA TYR A 208 -22.34 7.06 20.43
C TYR A 208 -23.51 6.45 21.19
N ALA A 209 -23.30 6.02 22.44
CA ALA A 209 -24.41 5.52 23.27
C ALA A 209 -25.40 6.62 23.61
N VAL A 210 -24.92 7.78 24.10
CA VAL A 210 -25.85 8.87 24.42
C VAL A 210 -26.57 9.34 23.17
N LEU A 211 -25.85 9.48 22.06
CA LEU A 211 -26.49 9.80 20.78
C LEU A 211 -27.65 8.86 20.49
N LEU A 212 -27.47 7.57 20.79
CA LEU A 212 -28.51 6.58 20.50
C LEU A 212 -29.72 6.75 21.42
N ILE A 213 -29.50 6.95 22.73
CA ILE A 213 -30.68 6.97 23.59
C ILE A 213 -31.35 8.34 23.52
N LEU A 214 -30.61 9.39 23.10
CA LEU A 214 -31.23 10.68 22.80
C LEU A 214 -31.87 10.70 21.41
N LEU A 215 -31.40 9.86 20.48
CA LEU A 215 -32.06 9.75 19.19
C LEU A 215 -33.43 9.11 19.32
N ILE A 216 -33.52 8.02 20.10
CA ILE A 216 -34.84 7.42 20.34
C ILE A 216 -35.72 8.41 21.07
N ARG A 217 -35.22 8.98 22.17
CA ARG A 217 -36.03 9.94 22.93
C ARG A 217 -36.42 11.15 22.07
N GLY A 218 -35.57 11.55 21.12
CA GLY A 218 -35.88 12.68 20.26
C GLY A 218 -36.91 12.38 19.18
N LEU A 219 -36.79 11.21 18.55
CA LEU A 219 -37.70 10.85 17.46
C LEU A 219 -39.07 10.43 17.98
N THR A 220 -39.18 10.09 19.27
CA THR A 220 -40.49 9.74 19.82
C THR A 220 -41.14 10.92 20.53
N LEU A 221 -40.93 12.14 20.03
CA LEU A 221 -41.52 13.32 20.65
C LEU A 221 -42.54 13.95 19.70
N PRO A 222 -43.70 14.38 20.21
CA PRO A 222 -44.69 15.06 19.35
C PRO A 222 -44.09 16.22 18.57
N GLY A 223 -44.00 16.05 17.26
CA GLY A 223 -43.43 17.06 16.39
C GLY A 223 -42.01 16.79 15.92
N SER A 224 -41.44 15.64 16.28
CA SER A 224 -40.08 15.34 15.84
C SER A 224 -39.97 15.28 14.32
N PHE A 225 -40.95 14.69 13.63
CA PHE A 225 -40.80 14.62 12.17
C PHE A 225 -40.83 16.02 11.53
N LEU A 226 -41.47 16.99 12.17
CA LEU A 226 -41.44 18.35 11.63
C LEU A 226 -40.04 18.92 11.68
N GLY A 227 -39.24 18.53 12.66
CA GLY A 227 -37.87 19.00 12.73
C GLY A 227 -37.02 18.42 11.62
N ILE A 228 -37.12 17.11 11.40
CA ILE A 228 -36.41 16.43 10.33
C ILE A 228 -36.71 17.06 8.98
N GLN A 229 -37.94 17.55 8.79
CA GLN A 229 -38.29 18.29 7.59
C GLN A 229 -37.46 19.56 7.47
N TYR A 230 -37.42 20.37 8.54
CA TYR A 230 -36.57 21.55 8.62
C TYR A 230 -35.09 21.23 8.44
N TYR A 231 -34.68 20.04 8.86
CA TYR A 231 -33.30 19.61 8.76
C TYR A 231 -32.91 19.24 7.34
N LEU A 232 -33.75 18.42 6.65
CA LEU A 232 -33.34 17.81 5.39
C LEU A 232 -34.24 18.06 4.16
N THR A 233 -35.26 18.91 4.23
CA THR A 233 -36.08 19.15 3.03
C THR A 233 -35.29 19.86 1.92
N PRO A 234 -34.97 19.17 0.82
CA PRO A 234 -34.03 19.72 -0.17
C PRO A 234 -34.55 20.98 -0.86
N ASN A 235 -33.63 21.91 -1.09
CA ASN A 235 -33.91 23.16 -1.78
C ASN A 235 -32.65 23.51 -2.59
N PHE A 236 -32.60 23.03 -3.83
CA PHE A 236 -31.36 23.20 -4.57
C PHE A 236 -31.12 24.64 -5.03
N SER A 237 -32.02 25.56 -4.71
CA SER A 237 -31.78 26.96 -5.06
C SER A 237 -30.40 27.40 -4.59
N ALA A 238 -29.99 26.92 -3.40
CA ALA A 238 -28.79 27.39 -2.72
C ALA A 238 -27.49 26.84 -3.31
N ILE A 239 -27.52 25.67 -3.95
CA ILE A 239 -26.31 25.13 -4.55
C ILE A 239 -25.69 26.12 -5.54
N TYR A 240 -26.53 26.97 -6.13
CA TYR A 240 -26.02 27.99 -7.04
C TYR A 240 -25.44 29.21 -6.33
N LYS A 241 -25.53 29.27 -5.00
CA LYS A 241 -24.97 30.39 -4.24
C LYS A 241 -23.55 30.07 -3.76
N ALA A 242 -22.63 31.00 -4.04
CA ALA A 242 -21.21 30.79 -3.72
C ALA A 242 -20.99 30.68 -2.22
N GLU A 243 -21.78 31.40 -1.43
CA GLU A 243 -21.60 31.47 0.01
C GLU A 243 -22.07 30.16 0.66
N VAL A 244 -22.44 29.18 -0.15
CA VAL A 244 -22.79 27.86 0.36
C VAL A 244 -21.63 26.89 0.21
N TRP A 245 -20.94 26.93 -0.94
CA TRP A 245 -19.74 26.09 -1.12
C TRP A 245 -18.66 26.45 -0.13
N VAL A 246 -18.62 27.73 0.31
CA VAL A 246 -17.67 28.16 1.34
C VAL A 246 -18.05 27.60 2.72
N ASP A 247 -19.34 27.58 3.04
CA ASP A 247 -19.77 26.92 4.29
C ASP A 247 -19.42 25.44 4.29
N ALA A 248 -19.74 24.75 3.20
CA ALA A 248 -19.28 23.37 3.04
C ALA A 248 -17.76 23.28 3.18
N ALA A 249 -17.04 24.02 2.34
CA ALA A 249 -15.58 23.96 2.36
C ALA A 249 -15.03 24.20 3.76
N THR A 250 -15.50 25.26 4.43
CA THR A 250 -15.00 25.61 5.74
C THR A 250 -15.41 24.58 6.81
N GLN A 251 -16.59 23.98 6.70
CA GLN A 251 -16.94 22.98 7.69
C GLN A 251 -16.08 21.74 7.50
N VAL A 252 -15.85 21.35 6.24
CA VAL A 252 -15.06 20.19 5.90
C VAL A 252 -13.65 20.31 6.49
N PHE A 253 -13.00 21.47 6.31
CA PHE A 253 -11.63 21.63 6.77
C PHE A 253 -11.55 21.65 8.31
N PHE A 254 -12.35 22.49 8.96
CA PHE A 254 -12.24 22.64 10.40
C PHE A 254 -12.85 21.49 11.18
N SER A 255 -13.63 20.60 10.53
CA SER A 255 -14.19 19.44 11.22
C SER A 255 -13.30 18.20 11.17
N LEU A 256 -12.52 17.99 10.08
CA LEU A 256 -11.59 16.87 10.04
C LEU A 256 -10.22 17.20 10.66
N GLY A 257 -9.82 18.46 10.64
CA GLY A 257 -8.58 18.88 11.27
C GLY A 257 -7.26 18.38 10.67
N PRO A 258 -7.09 18.46 9.34
CA PRO A 258 -5.84 18.04 8.74
C PRO A 258 -4.84 19.19 8.69
N GLY A 259 -3.59 18.88 9.08
CA GLY A 259 -2.54 19.88 9.11
C GLY A 259 -2.17 20.40 10.48
N PHE A 260 -2.86 19.97 11.55
CA PHE A 260 -2.62 20.48 12.90
C PHE A 260 -1.59 19.65 13.66
N GLY A 261 -0.93 18.67 13.02
CA GLY A 261 0.13 17.92 13.66
C GLY A 261 -0.33 16.83 14.60
N VAL A 262 -1.62 16.50 14.61
CA VAL A 262 -2.23 15.53 15.51
C VAL A 262 -2.33 14.15 14.87
N LEU A 263 -2.94 14.08 13.67
CA LEU A 263 -2.84 12.87 12.87
C LEU A 263 -1.37 12.52 12.57
N LEU A 264 -0.55 13.53 12.24
CA LEU A 264 0.88 13.31 12.14
C LEU A 264 1.41 12.60 13.39
N ALA A 265 1.21 13.23 14.55
CA ALA A 265 1.62 12.63 15.82
C ALA A 265 1.05 11.23 15.98
N TYR A 266 -0.27 11.09 15.87
CA TYR A 266 -0.89 9.80 16.14
C TYR A 266 -0.36 8.72 15.19
N ALA A 267 -0.30 9.02 13.90
CA ALA A 267 0.20 8.04 12.93
C ALA A 267 1.68 7.72 13.12
N SER A 268 2.46 8.59 13.76
CA SER A 268 3.88 8.30 13.92
C SER A 268 4.11 7.06 14.78
N TYR A 269 3.14 6.66 15.59
CA TYR A 269 3.27 5.47 16.42
C TYR A 269 2.63 4.25 15.78
N ASN A 270 2.11 4.40 14.57
CA ASN A 270 1.72 3.26 13.76
C ASN A 270 2.94 2.46 13.32
N LYS A 271 2.71 1.18 13.05
CA LYS A 271 3.69 0.38 12.32
C LYS A 271 3.82 0.88 10.87
N TYR A 272 5.02 0.72 10.30
CA TYR A 272 5.35 1.29 9.00
C TYR A 272 4.44 0.78 7.88
N HIS A 273 4.01 -0.49 7.97
CA HIS A 273 3.23 -1.12 6.90
C HIS A 273 1.74 -1.24 7.23
N ASN A 274 1.25 -0.42 8.14
CA ASN A 274 -0.19 -0.35 8.40
C ASN A 274 -0.93 0.26 7.20
N ASN A 275 -2.11 -0.29 6.91
CA ASN A 275 -2.91 0.18 5.78
C ASN A 275 -3.59 1.52 6.07
N VAL A 276 -2.78 2.58 6.15
CA VAL A 276 -3.22 3.90 6.60
C VAL A 276 -4.25 4.51 5.64
N TYR A 277 -4.17 4.18 4.35
CA TYR A 277 -5.19 4.63 3.39
C TYR A 277 -6.56 4.13 3.75
N LYS A 278 -6.66 2.87 4.19
CA LYS A 278 -7.93 2.38 4.68
C LYS A 278 -8.27 3.06 6.01
N ASP A 279 -7.24 3.40 6.81
CA ASP A 279 -7.48 4.11 8.07
C ASP A 279 -7.95 5.53 7.84
N ALA A 280 -7.47 6.17 6.78
CA ALA A 280 -8.00 7.48 6.41
C ALA A 280 -9.46 7.37 6.04
N LEU A 281 -9.76 6.55 5.05
CA LEU A 281 -11.12 6.40 4.54
C LEU A 281 -12.10 6.00 5.66
N LEU A 282 -11.74 5.02 6.49
CA LEU A 282 -12.64 4.57 7.55
C LEU A 282 -12.93 5.69 8.54
N THR A 283 -11.86 6.21 9.15
CA THR A 283 -11.94 7.28 10.13
C THR A 283 -12.70 8.50 9.62
N SER A 284 -12.37 9.01 8.42
CA SER A 284 -13.07 10.16 7.85
C SER A 284 -14.57 9.91 7.83
N PHE A 285 -14.99 8.88 7.07
CA PHE A 285 -16.41 8.62 6.91
C PHE A 285 -17.11 8.61 8.26
N ILE A 286 -16.46 8.04 9.29
CA ILE A 286 -17.06 7.96 10.63
C ILE A 286 -17.27 9.34 11.22
N ASN A 287 -16.45 10.33 10.86
CA ASN A 287 -16.69 11.69 11.33
C ASN A 287 -17.97 12.26 10.71
N SER A 288 -18.01 12.33 9.38
CA SER A 288 -19.18 12.91 8.70
C SER A 288 -20.46 12.15 9.06
N ALA A 289 -20.37 10.84 9.26
CA ALA A 289 -21.54 10.08 9.68
C ALA A 289 -21.98 10.50 11.06
N THR A 290 -21.05 10.82 11.96
CA THR A 290 -21.42 11.17 13.34
C THR A 290 -22.16 12.51 13.39
N SER A 291 -21.85 13.42 12.46
CA SER A 291 -22.58 14.68 12.36
C SER A 291 -23.99 14.45 11.81
N PHE A 292 -24.11 13.64 10.77
CA PHE A 292 -25.41 13.37 10.17
C PHE A 292 -26.36 12.79 11.20
N ILE A 293 -25.86 11.82 12.00
CA ILE A 293 -26.66 11.27 13.11
C ILE A 293 -27.07 12.38 14.06
N ALA A 294 -26.09 13.12 14.58
CA ALA A 294 -26.35 14.18 15.57
C ALA A 294 -27.43 15.17 15.10
N GLY A 295 -27.48 15.44 13.79
CA GLY A 295 -28.45 16.39 13.26
C GLY A 295 -29.89 15.96 13.46
N PHE A 296 -30.13 14.65 13.51
CA PHE A 296 -31.46 14.16 13.88
C PHE A 296 -31.70 14.35 15.38
N VAL A 297 -30.67 14.13 16.22
CA VAL A 297 -30.84 14.28 17.67
C VAL A 297 -31.20 15.72 18.00
N ILE A 298 -30.71 16.66 17.19
CA ILE A 298 -30.99 18.08 17.41
C ILE A 298 -32.37 18.44 16.88
N PHE A 299 -32.60 18.20 15.58
CA PHE A 299 -33.80 18.77 14.97
C PHE A 299 -35.07 18.00 15.31
N SER A 300 -34.96 16.75 15.78
CA SER A 300 -36.10 16.15 16.46
C SER A 300 -36.53 17.03 17.61
N VAL A 301 -35.64 17.23 18.59
CA VAL A 301 -35.97 18.05 19.74
C VAL A 301 -36.28 19.50 19.33
N LEU A 302 -35.72 19.97 18.21
CA LEU A 302 -36.04 21.29 17.68
C LEU A 302 -37.46 21.38 17.15
N GLY A 303 -37.97 20.32 16.51
CA GLY A 303 -39.35 20.32 16.06
C GLY A 303 -40.33 20.20 17.20
N TYR A 304 -39.99 19.35 18.18
CA TYR A 304 -40.82 19.22 19.36
C TYR A 304 -40.92 20.55 20.10
N MET A 305 -39.83 21.33 20.08
CA MET A 305 -39.86 22.66 20.68
C MET A 305 -40.79 23.58 19.89
N ALA A 306 -40.77 23.46 18.56
CA ALA A 306 -41.57 24.28 17.66
C ALA A 306 -43.05 23.89 17.62
N HIS A 307 -43.39 22.67 18.00
CA HIS A 307 -44.77 22.18 17.93
C HIS A 307 -45.48 22.22 19.29
N THR A 308 -44.86 21.73 20.36
CA THR A 308 -45.53 21.69 21.64
C THR A 308 -45.09 22.82 22.59
N LEU A 309 -44.34 23.81 22.11
CA LEU A 309 -43.87 24.86 23.00
C LEU A 309 -44.03 26.27 22.41
N GLY A 310 -44.56 26.43 21.19
CA GLY A 310 -44.75 27.72 20.57
C GLY A 310 -43.50 28.59 20.49
N VAL A 311 -42.56 28.21 19.62
CA VAL A 311 -41.35 28.98 19.36
C VAL A 311 -41.13 28.92 17.85
N ARG A 312 -40.78 30.05 17.24
CA ARG A 312 -40.47 30.01 15.81
C ARG A 312 -39.24 29.13 15.59
N ILE A 313 -39.25 28.32 14.53
CA ILE A 313 -38.10 27.43 14.30
C ILE A 313 -36.82 28.26 14.18
N GLU A 314 -36.90 29.41 13.46
CA GLU A 314 -35.75 30.28 13.25
C GLU A 314 -35.06 30.65 14.55
N ASP A 315 -35.80 30.67 15.68
CA ASP A 315 -35.35 31.17 16.97
C ASP A 315 -34.66 30.12 17.83
N VAL A 316 -34.77 28.85 17.48
CA VAL A 316 -34.08 27.78 18.20
C VAL A 316 -33.09 27.05 17.31
N ALA A 317 -33.26 27.11 15.99
CA ALA A 317 -32.26 26.62 15.06
C ALA A 317 -31.04 27.55 15.10
N THR A 318 -30.23 27.36 16.14
CA THR A 318 -29.02 28.12 16.44
C THR A 318 -27.80 27.25 16.18
N GLU A 319 -26.64 27.89 16.23
CA GLU A 319 -25.34 27.26 16.25
C GLU A 319 -24.50 27.70 17.45
N GLY A 320 -23.40 26.99 17.65
CA GLY A 320 -22.45 27.35 18.67
C GLY A 320 -22.93 27.01 20.05
N PRO A 321 -22.22 27.51 21.07
CA PRO A 321 -22.58 27.14 22.45
C PRO A 321 -24.04 27.35 22.80
N GLY A 322 -24.63 28.45 22.36
CA GLY A 322 -26.05 28.69 22.66
C GLY A 322 -26.95 27.49 22.43
N LEU A 323 -26.73 26.76 21.31
CA LEU A 323 -27.57 25.61 20.98
C LEU A 323 -27.47 24.50 22.02
N VAL A 324 -26.29 24.22 22.56
CA VAL A 324 -26.21 23.13 23.55
C VAL A 324 -26.32 23.60 25.00
N PHE A 325 -26.05 24.87 25.30
CA PHE A 325 -26.15 25.32 26.69
C PHE A 325 -27.42 26.07 27.02
N VAL A 326 -28.24 26.39 26.02
CA VAL A 326 -29.41 27.23 26.25
C VAL A 326 -30.63 26.59 25.61
N VAL A 327 -30.54 26.31 24.32
CA VAL A 327 -31.73 25.85 23.60
C VAL A 327 -32.06 24.39 23.95
N TYR A 328 -31.15 23.48 23.63
CA TYR A 328 -31.41 22.06 23.90
C TYR A 328 -31.61 21.73 25.37
N PRO A 329 -30.87 22.30 26.34
CA PRO A 329 -31.26 22.05 27.73
C PRO A 329 -32.67 22.50 28.00
N ALA A 330 -33.05 23.67 27.51
CA ALA A 330 -34.36 24.19 27.82
C ALA A 330 -35.45 23.30 27.24
N ALA A 331 -35.14 22.49 26.21
CA ALA A 331 -36.11 21.52 25.71
C ALA A 331 -36.15 20.27 26.60
N ILE A 332 -35.02 19.92 27.21
CA ILE A 332 -34.96 18.76 28.09
C ILE A 332 -35.78 19.04 29.35
N ALA A 333 -35.69 20.28 29.87
CA ALA A 333 -36.38 20.65 31.08
C ALA A 333 -37.89 20.46 31.01
N THR A 334 -38.44 20.24 29.82
CA THR A 334 -39.86 19.96 29.69
C THR A 334 -40.18 18.47 29.68
N MET A 335 -39.38 17.65 29.01
CA MET A 335 -39.68 16.23 28.89
C MET A 335 -39.50 15.48 30.21
N PRO A 336 -40.28 14.41 30.43
CA PRO A 336 -40.15 13.65 31.70
C PRO A 336 -38.82 12.93 31.77
N ALA A 337 -38.39 12.62 33.00
CA ALA A 337 -37.04 12.13 33.27
C ALA A 337 -35.99 13.15 32.79
N SER A 338 -36.36 14.44 32.87
CA SER A 338 -35.46 15.50 32.42
C SER A 338 -34.07 15.37 33.04
N THR A 339 -34.01 15.07 34.34
CA THR A 339 -32.73 15.00 35.03
C THR A 339 -31.78 13.99 34.37
N PHE A 340 -32.36 12.96 33.79
CA PHE A 340 -31.56 11.92 33.16
C PHE A 340 -31.06 12.38 31.80
N TRP A 341 -31.89 13.08 31.03
CA TRP A 341 -31.45 13.58 29.72
C TRP A 341 -30.38 14.64 29.89
N ALA A 342 -30.50 15.49 30.90
CA ALA A 342 -29.46 16.45 31.22
C ALA A 342 -28.14 15.73 31.53
N LEU A 343 -28.14 14.87 32.54
CA LEU A 343 -26.88 14.26 32.98
C LEU A 343 -26.18 13.57 31.82
N ILE A 344 -26.90 12.80 31.02
CA ILE A 344 -26.20 12.18 29.90
C ILE A 344 -25.87 13.22 28.82
N PHE A 345 -26.72 14.26 28.62
CA PHE A 345 -26.42 15.28 27.60
C PHE A 345 -25.14 16.01 27.94
N PHE A 346 -24.95 16.39 29.20
CA PHE A 346 -23.75 17.15 29.52
C PHE A 346 -22.53 16.25 29.61
N MET A 347 -22.70 15.04 30.13
CA MET A 347 -21.58 14.11 30.11
C MET A 347 -21.16 13.79 28.66
N MET A 348 -22.11 13.75 27.72
CA MET A 348 -21.81 13.67 26.29
C MET A 348 -21.02 14.89 25.80
N LEU A 349 -21.49 16.10 26.11
CA LEU A 349 -20.76 17.29 25.65
C LEU A 349 -19.33 17.28 26.17
N ALA A 350 -19.15 16.85 27.43
CA ALA A 350 -17.80 16.81 28.00
C ALA A 350 -16.92 15.80 27.28
N THR A 351 -17.37 14.53 27.19
CA THR A 351 -16.54 13.52 26.53
C THR A 351 -16.33 13.83 25.06
N LEU A 352 -17.15 14.71 24.47
CA LEU A 352 -16.95 15.07 23.07
C LEU A 352 -15.73 15.96 22.90
N GLY A 353 -15.39 16.79 23.89
CA GLY A 353 -14.24 17.66 23.74
C GLY A 353 -12.92 17.10 24.25
N LEU A 354 -13.02 16.15 25.20
CA LEU A 354 -11.83 15.58 25.84
C LEU A 354 -10.97 14.82 24.84
N ASP A 355 -11.61 13.98 23.99
CA ASP A 355 -10.96 13.30 22.86
C ASP A 355 -10.07 14.26 22.07
N SER A 356 -10.62 15.44 21.77
CA SER A 356 -9.99 16.43 20.91
C SER A 356 -8.90 17.20 21.61
N SER A 357 -9.09 17.52 22.90
CA SER A 357 -8.03 18.18 23.63
C SER A 357 -6.81 17.27 23.77
N PHE A 358 -7.04 15.97 24.04
CA PHE A 358 -5.96 14.99 24.08
C PHE A 358 -5.06 15.13 22.87
N GLY A 359 -5.64 14.97 21.68
CA GLY A 359 -4.86 14.99 20.45
C GLY A 359 -4.20 16.33 20.19
N GLY A 360 -4.86 17.43 20.56
CA GLY A 360 -4.22 18.73 20.39
C GLY A 360 -2.98 18.86 21.24
N MET A 361 -3.06 18.38 22.48
CA MET A 361 -1.93 18.39 23.38
C MET A 361 -0.94 17.28 23.06
N GLU A 362 -1.42 16.14 22.57
CA GLU A 362 -0.48 15.09 22.24
C GLU A 362 0.40 15.52 21.07
N ALA A 363 -0.17 16.27 20.12
CA ALA A 363 0.63 16.82 19.03
C ALA A 363 1.77 17.66 19.55
N ILE A 364 1.52 18.41 20.63
CA ILE A 364 2.56 19.24 21.23
C ILE A 364 3.63 18.38 21.88
N ILE A 365 3.23 17.52 22.83
CA ILE A 365 4.16 16.63 23.53
C ILE A 365 4.99 15.83 22.53
N THR A 366 4.35 15.18 21.56
CA THR A 366 5.10 14.39 20.59
C THR A 366 6.09 15.25 19.81
N ALA A 367 5.64 16.40 19.30
CA ALA A 367 6.49 17.18 18.41
C ALA A 367 7.78 17.61 19.09
N LEU A 368 7.71 17.90 20.40
CA LEU A 368 8.86 18.35 21.17
C LEU A 368 9.69 17.20 21.72
N SER A 369 9.05 16.11 22.16
CA SER A 369 9.82 14.95 22.59
C SER A 369 10.73 14.44 21.47
N ASP A 370 10.22 14.39 20.24
CA ASP A 370 11.01 13.95 19.11
C ASP A 370 12.08 14.94 18.67
N GLU A 371 12.22 16.10 19.34
CA GLU A 371 13.20 17.11 18.97
C GLU A 371 14.08 17.59 20.14
N PHE A 372 13.59 17.50 21.38
CA PHE A 372 14.28 17.93 22.58
C PHE A 372 14.29 16.72 23.51
N PRO A 373 15.30 15.85 23.39
CA PRO A 373 15.34 14.63 24.22
C PRO A 373 15.45 14.93 25.71
N LYS A 374 15.98 16.11 26.06
CA LYS A 374 15.92 16.60 27.43
C LYS A 374 14.49 16.50 27.99
N ILE A 375 13.49 16.71 27.14
CA ILE A 375 12.10 16.57 27.60
C ILE A 375 11.50 15.21 27.24
N LYS A 376 12.13 14.45 26.33
CA LYS A 376 11.60 13.14 25.99
C LYS A 376 11.76 12.18 27.16
N ARG A 377 12.92 12.21 27.83
CA ARG A 377 13.09 11.45 29.06
C ARG A 377 12.18 12.00 30.17
N ASN A 378 12.28 13.30 30.43
CA ASN A 378 11.48 13.99 31.45
C ASN A 378 10.07 14.31 30.90
N ARG A 379 9.20 13.31 30.92
CA ARG A 379 7.85 13.52 30.40
C ARG A 379 6.86 13.88 31.49
N GLU A 380 6.72 13.02 32.50
CA GLU A 380 5.75 13.26 33.55
C GLU A 380 5.92 14.65 34.14
N LEU A 381 7.17 15.09 34.33
CA LEU A 381 7.43 16.47 34.74
C LEU A 381 6.92 17.47 33.70
N PHE A 382 7.23 17.24 32.41
CA PHE A 382 6.97 18.25 31.38
C PHE A 382 5.48 18.60 31.29
N VAL A 383 4.60 17.60 31.22
CA VAL A 383 3.17 17.86 31.02
C VAL A 383 2.58 18.60 32.22
N ALA A 384 3.07 18.32 33.42
CA ALA A 384 2.65 19.11 34.58
C ALA A 384 3.01 20.57 34.39
N GLY A 385 4.20 20.84 33.85
CA GLY A 385 4.57 22.20 33.53
C GLY A 385 3.72 22.83 32.44
N LEU A 386 3.20 22.01 31.52
CA LEU A 386 2.35 22.58 30.47
C LEU A 386 0.95 22.88 30.98
N PHE A 387 0.32 21.90 31.64
CA PHE A 387 -1.08 22.06 32.05
C PHE A 387 -1.20 23.10 33.15
N SER A 388 -0.23 23.15 34.07
CA SER A 388 -0.28 24.14 35.14
C SER A 388 -0.28 25.55 34.56
N LEU A 389 0.59 25.82 33.59
CA LEU A 389 0.58 27.10 32.89
C LEU A 389 -0.76 27.32 32.19
N TYR A 390 -1.26 26.30 31.47
CA TYR A 390 -2.61 26.34 30.88
C TYR A 390 -3.68 26.68 31.91
N PHE A 391 -3.62 26.02 33.06
CA PHE A 391 -4.58 26.26 34.13
C PHE A 391 -4.40 27.67 34.68
N VAL A 392 -3.18 28.04 35.07
CA VAL A 392 -2.94 29.31 35.73
C VAL A 392 -3.45 30.46 34.86
N VAL A 393 -2.94 30.56 33.63
CA VAL A 393 -3.42 31.61 32.73
C VAL A 393 -4.87 31.35 32.33
N GLY A 394 -5.33 30.11 32.47
CA GLY A 394 -6.73 29.82 32.24
C GLY A 394 -7.65 30.31 33.34
N LEU A 395 -7.10 30.83 34.45
CA LEU A 395 -7.96 31.46 35.43
C LEU A 395 -8.58 32.72 34.85
N ALA A 396 -7.82 33.42 34.00
CA ALA A 396 -8.38 34.52 33.20
C ALA A 396 -9.67 34.13 32.49
N SER A 397 -9.79 32.88 32.02
CA SER A 397 -11.02 32.53 31.32
C SER A 397 -12.15 32.17 32.26
N CYS A 398 -11.85 31.90 33.54
CA CYS A 398 -12.87 31.63 34.55
C CYS A 398 -13.35 32.89 35.25
N THR A 399 -13.16 34.05 34.66
CA THR A 399 -13.71 35.27 35.23
C THR A 399 -15.10 35.57 34.68
N GLN A 400 -15.72 36.60 35.27
CA GLN A 400 -17.02 37.10 34.81
C GLN A 400 -16.95 37.59 33.37
N GLY A 401 -15.86 38.25 33.00
CA GLY A 401 -15.60 38.67 31.65
C GLY A 401 -14.84 37.69 30.80
N GLY A 402 -14.56 36.48 31.32
CA GLY A 402 -13.75 35.51 30.59
C GLY A 402 -14.19 35.29 29.15
N PHE A 403 -15.50 35.18 28.92
CA PHE A 403 -16.01 34.85 27.58
C PHE A 403 -15.47 35.80 26.52
N TYR A 404 -15.30 37.08 26.86
CA TYR A 404 -14.80 38.01 25.85
C TYR A 404 -13.39 37.65 25.43
N PHE A 405 -12.55 37.30 26.39
CA PHE A 405 -11.21 36.85 26.08
C PHE A 405 -11.22 35.53 25.28
N LEU A 406 -12.25 34.68 25.47
CA LEU A 406 -12.33 33.43 24.72
C LEU A 406 -12.75 33.63 23.28
N HIS A 407 -13.82 34.39 23.06
CA HIS A 407 -14.25 34.67 21.70
C HIS A 407 -13.09 35.23 20.88
N LEU A 408 -12.24 36.04 21.53
CA LEU A 408 -11.05 36.60 20.90
C LEU A 408 -10.09 35.50 20.44
N LEU A 409 -9.63 34.66 21.37
CA LEU A 409 -8.85 33.48 21.00
C LEU A 409 -9.56 32.64 19.96
N ASP A 410 -10.89 32.51 20.09
CA ASP A 410 -11.62 31.67 19.14
C ASP A 410 -11.44 32.16 17.72
N ARG A 411 -11.18 33.45 17.55
CA ARG A 411 -11.10 34.01 16.21
C ARG A 411 -9.66 34.05 15.67
N TYR A 412 -8.67 34.28 16.53
CA TYR A 412 -7.33 34.51 16.03
C TYR A 412 -6.35 33.37 16.27
N ALA A 413 -6.49 32.60 17.36
CA ALA A 413 -5.46 31.61 17.70
C ALA A 413 -5.25 30.58 16.59
N ALA A 414 -6.34 30.01 16.06
CA ALA A 414 -6.25 29.06 14.92
C ALA A 414 -7.15 29.51 13.78
N GLY A 415 -7.00 30.76 13.34
CA GLY A 415 -7.85 31.25 12.27
C GLY A 415 -7.26 31.10 10.87
N TYR A 416 -6.82 32.22 10.29
CA TYR A 416 -6.07 32.18 9.05
C TYR A 416 -4.67 31.64 9.29
N SER A 417 -4.19 31.72 10.53
CA SER A 417 -2.93 31.09 10.87
C SER A 417 -2.85 29.66 10.36
N ILE A 418 -3.81 28.80 10.73
CA ILE A 418 -3.71 27.40 10.31
C ILE A 418 -4.01 27.24 8.83
N LEU A 419 -4.81 28.11 8.24
CA LEU A 419 -5.07 28.01 6.81
C LEU A 419 -3.79 28.23 6.01
N VAL A 420 -3.01 29.25 6.36
CA VAL A 420 -1.82 29.54 5.56
C VAL A 420 -0.72 28.55 5.89
N ALA A 421 -0.70 27.98 7.10
CA ALA A 421 0.32 26.99 7.42
C ALA A 421 0.08 25.72 6.64
N VAL A 422 -1.17 25.24 6.64
CA VAL A 422 -1.53 24.08 5.84
C VAL A 422 -1.34 24.36 4.34
N PHE A 423 -1.48 25.61 3.90
CA PHE A 423 -1.19 25.92 2.50
C PHE A 423 0.26 25.60 2.16
N PHE A 424 1.18 25.96 3.03
CA PHE A 424 2.57 25.61 2.79
C PHE A 424 2.88 24.15 3.11
N GLU A 425 1.92 23.42 3.68
CA GLU A 425 2.07 21.98 3.86
C GLU A 425 1.79 21.24 2.55
N ALA A 426 0.68 21.61 1.91
CA ALA A 426 0.34 21.04 0.61
C ALA A 426 1.42 21.35 -0.42
N ILE A 427 1.96 22.57 -0.40
CA ILE A 427 2.98 22.95 -1.38
C ILE A 427 4.30 22.24 -1.10
N ALA A 428 4.71 22.19 0.17
CA ALA A 428 5.92 21.48 0.54
C ALA A 428 5.88 20.03 0.08
N VAL A 429 4.77 19.34 0.36
CA VAL A 429 4.70 17.88 0.11
C VAL A 429 4.56 17.60 -1.38
N SER A 430 3.59 18.21 -2.04
CA SER A 430 3.33 17.92 -3.45
C SER A 430 4.43 18.46 -4.35
N TRP A 431 4.83 19.72 -4.16
CA TRP A 431 5.70 20.38 -5.14
C TRP A 431 7.18 20.32 -4.75
N ILE A 432 7.55 20.75 -3.55
CA ILE A 432 8.97 20.88 -3.20
C ILE A 432 9.60 19.51 -2.98
N TYR A 433 9.03 18.72 -2.06
CA TYR A 433 9.41 17.33 -1.80
C TYR A 433 9.17 16.47 -3.04
N GLY A 434 7.91 16.40 -3.46
CA GLY A 434 7.51 15.67 -4.66
C GLY A 434 6.37 14.67 -4.49
N THR A 435 5.28 14.88 -5.24
CA THR A 435 4.21 13.87 -5.31
C THR A 435 4.79 12.49 -5.64
N ASN A 436 5.63 12.43 -6.67
CA ASN A 436 6.22 11.14 -7.07
C ASN A 436 7.04 10.55 -5.93
N ARG A 437 7.92 11.35 -5.34
CA ARG A 437 8.69 10.87 -4.20
C ARG A 437 7.78 10.48 -3.04
N PHE A 438 6.67 11.19 -2.86
CA PHE A 438 5.69 10.88 -1.80
C PHE A 438 4.97 9.58 -2.09
N SER A 439 4.55 9.35 -3.35
CA SER A 439 3.90 8.09 -3.71
C SER A 439 4.84 6.92 -3.51
N GLU A 440 6.10 7.06 -3.95
CA GLU A 440 7.09 6.02 -3.74
C GLU A 440 7.23 5.70 -2.25
N ASP A 441 7.13 6.73 -1.39
CA ASP A 441 7.08 6.49 0.05
C ASP A 441 5.86 5.64 0.42
N ILE A 442 4.71 6.02 -0.11
CA ILE A 442 3.47 5.37 0.26
C ILE A 442 3.46 3.90 -0.19
N ARG A 443 3.89 3.65 -1.43
CA ARG A 443 4.08 2.30 -1.95
C ARG A 443 4.88 1.43 -0.99
N ASP A 444 6.05 1.92 -0.57
CA ASP A 444 6.90 1.11 0.29
C ASP A 444 6.20 0.73 1.57
N MET A 445 5.20 1.52 1.98
CA MET A 445 4.47 1.32 3.23
C MET A 445 3.31 0.32 3.05
N ILE A 446 2.33 0.68 2.22
CA ILE A 446 1.13 -0.14 2.03
C ILE A 446 1.20 -1.03 0.77
N GLY A 447 2.16 -0.84 -0.12
CA GLY A 447 2.35 -1.80 -1.19
C GLY A 447 1.85 -1.39 -2.55
N PHE A 448 1.12 -0.30 -2.65
CA PHE A 448 0.61 0.26 -3.92
C PHE A 448 0.76 1.73 -3.91
N PRO A 449 0.74 2.41 -5.07
CA PRO A 449 0.82 3.86 -5.11
C PRO A 449 -0.55 4.49 -4.96
N PRO A 450 -0.59 5.76 -4.55
CA PRO A 450 -1.84 6.54 -4.60
C PRO A 450 -2.34 6.77 -6.01
N GLY A 451 -3.61 6.43 -6.24
CA GLY A 451 -4.23 6.66 -7.53
C GLY A 451 -4.07 8.08 -8.01
N ARG A 452 -4.23 8.27 -9.33
CA ARG A 452 -4.03 9.60 -9.89
C ARG A 452 -5.01 10.61 -9.31
N TYR A 453 -6.22 10.17 -8.97
CA TYR A 453 -7.16 11.04 -8.29
C TYR A 453 -6.53 11.69 -7.07
N TRP A 454 -5.86 10.89 -6.23
CA TRP A 454 -5.25 11.47 -5.03
C TRP A 454 -4.13 12.43 -5.39
N GLN A 455 -3.36 12.14 -6.44
CA GLN A 455 -2.19 12.97 -6.70
C GLN A 455 -2.58 14.30 -7.34
N VAL A 456 -3.69 14.32 -8.07
CA VAL A 456 -4.17 15.58 -8.61
C VAL A 456 -4.79 16.44 -7.50
N CYS A 457 -5.56 15.83 -6.59
CA CYS A 457 -6.06 16.55 -5.42
C CYS A 457 -4.94 17.11 -4.53
N TRP A 458 -3.69 16.67 -4.67
CA TRP A 458 -2.62 17.05 -3.77
C TRP A 458 -1.78 18.22 -4.23
N ARG A 459 -1.60 18.40 -5.55
CA ARG A 459 -0.80 19.50 -6.07
C ARG A 459 -1.66 20.62 -6.67
N PHE A 460 -2.98 20.42 -6.77
CA PHE A 460 -3.84 21.40 -7.42
C PHE A 460 -5.05 21.75 -6.56
N VAL A 461 -5.92 20.77 -6.27
CA VAL A 461 -7.19 21.03 -5.58
C VAL A 461 -6.96 21.47 -4.14
N ALA A 462 -6.06 20.79 -3.42
CA ALA A 462 -5.80 21.16 -2.03
C ALA A 462 -5.39 22.62 -1.86
N PRO A 463 -4.34 23.14 -2.51
CA PRO A 463 -3.99 24.55 -2.25
C PRO A 463 -5.03 25.54 -2.75
N ILE A 464 -5.88 25.16 -3.72
CA ILE A 464 -6.94 26.03 -4.19
C ILE A 464 -8.17 25.97 -3.28
N PHE A 465 -8.54 24.75 -2.84
CA PHE A 465 -9.54 24.56 -1.79
C PHE A 465 -9.22 25.42 -0.58
N LEU A 466 -7.96 25.40 -0.14
CA LEU A 466 -7.54 26.22 0.99
C LEU A 466 -7.59 27.70 0.63
N LEU A 467 -6.99 28.06 -0.50
CA LEU A 467 -7.04 29.43 -0.96
C LEU A 467 -8.50 29.90 -1.05
N PHE A 468 -9.39 29.02 -1.54
CA PHE A 468 -10.82 29.34 -1.67
C PHE A 468 -11.42 29.76 -0.34
N ILE A 469 -11.13 29.00 0.72
CA ILE A 469 -11.59 29.37 2.05
C ILE A 469 -10.93 30.68 2.50
N THR A 470 -9.59 30.76 2.40
CA THR A 470 -8.84 31.87 3.00
C THR A 470 -9.21 33.21 2.36
N VAL A 471 -9.52 33.20 1.06
CA VAL A 471 -9.86 34.46 0.40
C VAL A 471 -11.23 34.93 0.87
N TYR A 472 -12.23 34.04 0.82
CA TYR A 472 -13.56 34.39 1.32
C TYR A 472 -13.56 34.66 2.82
N GLY A 473 -12.65 34.04 3.57
CA GLY A 473 -12.47 34.42 4.96
C GLY A 473 -11.99 35.83 5.15
N LEU A 474 -11.44 36.45 4.10
CA LEU A 474 -11.04 37.85 4.13
C LEU A 474 -12.03 38.77 3.41
N ILE A 475 -12.82 38.23 2.47
CA ILE A 475 -13.83 39.04 1.77
C ILE A 475 -14.91 39.52 2.73
N GLY A 476 -15.55 38.59 3.43
CA GLY A 476 -16.58 38.92 4.39
C GLY A 476 -16.06 39.25 5.77
N TYR A 477 -14.80 39.71 5.86
CA TYR A 477 -14.23 40.10 7.15
C TYR A 477 -15.04 41.24 7.77
N GLU A 478 -15.03 41.29 9.10
CA GLU A 478 -15.64 42.33 9.92
C GLU A 478 -14.78 42.50 11.15
N PRO A 479 -14.84 43.66 11.82
CA PRO A 479 -14.15 43.79 13.11
C PRO A 479 -14.83 42.93 14.17
N LEU A 480 -14.06 42.61 15.22
CA LEU A 480 -14.53 41.64 16.20
C LEU A 480 -15.59 42.25 17.11
N THR A 481 -16.69 41.52 17.31
CA THR A 481 -17.93 42.01 17.90
C THR A 481 -18.69 40.89 18.58
N TYR A 482 -19.21 41.15 19.79
CA TYR A 482 -20.14 40.24 20.46
C TYR A 482 -21.31 41.02 21.03
N ALA A 483 -22.52 40.70 20.56
CA ALA A 483 -23.78 41.38 20.91
C ALA A 483 -23.60 42.86 20.61
N ASP A 484 -23.92 43.76 21.53
CA ASP A 484 -23.67 45.17 21.24
C ASP A 484 -22.23 45.57 21.50
N TYR A 485 -21.42 44.70 22.12
CA TYR A 485 -20.02 45.03 22.41
C TYR A 485 -19.19 44.96 21.14
N VAL A 486 -18.40 46.00 20.90
CA VAL A 486 -17.42 46.04 19.82
C VAL A 486 -16.02 46.10 20.43
N TYR A 487 -15.22 45.07 20.16
CA TYR A 487 -13.89 44.96 20.74
C TYR A 487 -13.03 46.16 20.34
N PRO A 488 -12.30 46.76 21.29
CA PRO A 488 -11.46 47.91 20.96
C PRO A 488 -10.39 47.56 19.91
N SER A 489 -9.79 48.60 19.33
CA SER A 489 -8.77 48.39 18.32
C SER A 489 -7.61 47.57 18.88
N TRP A 490 -7.15 47.87 20.11
CA TRP A 490 -5.98 47.18 20.62
C TRP A 490 -6.25 45.72 20.92
N ALA A 491 -7.50 45.34 21.10
CA ALA A 491 -7.83 43.92 21.22
C ALA A 491 -7.54 43.20 19.91
N ASN A 492 -7.99 43.76 18.78
CA ASN A 492 -7.75 43.15 17.47
C ASN A 492 -6.26 43.05 17.15
N ALA A 493 -5.51 44.13 17.39
CA ALA A 493 -4.07 44.04 17.15
C ALA A 493 -3.45 42.95 18.01
N LEU A 494 -3.85 42.87 19.28
CA LEU A 494 -3.48 41.73 20.12
C LEU A 494 -3.82 40.39 19.46
N GLY A 495 -4.96 40.31 18.79
CA GLY A 495 -5.33 39.07 18.14
C GLY A 495 -4.43 38.74 16.95
N TRP A 496 -4.12 39.76 16.14
CA TRP A 496 -3.24 39.53 15.01
C TRP A 496 -1.84 39.16 15.48
N CYS A 497 -1.34 39.84 16.51
CA CYS A 497 -0.05 39.47 17.03
C CYS A 497 -0.17 38.19 17.85
N ILE A 498 -1.18 37.38 17.55
CA ILE A 498 -1.29 35.99 17.98
C ILE A 498 -1.33 35.04 16.79
N ALA A 499 -2.07 35.43 15.74
CA ALA A 499 -2.11 34.64 14.51
C ALA A 499 -0.77 34.66 13.80
N GLY A 500 -0.13 35.83 13.78
CA GLY A 500 1.20 35.97 13.23
C GLY A 500 2.29 35.36 14.09
N SER A 501 2.07 35.27 15.40
CA SER A 501 3.09 34.66 16.23
C SER A 501 3.35 33.19 15.86
N SER A 502 2.74 32.69 14.78
CA SER A 502 2.95 31.30 14.39
C SER A 502 3.30 31.18 12.91
N VAL A 503 2.56 31.88 12.05
CA VAL A 503 2.88 31.96 10.64
C VAL A 503 4.28 32.54 10.38
N VAL A 504 4.71 33.52 11.20
CA VAL A 504 5.99 34.20 10.95
C VAL A 504 7.15 33.21 11.05
N MET A 505 7.02 32.15 11.86
CA MET A 505 8.09 31.17 11.99
C MET A 505 8.27 30.30 10.76
N ILE A 506 7.37 30.41 9.78
CA ILE A 506 7.55 29.74 8.49
C ILE A 506 8.65 30.47 7.72
N PRO A 507 8.52 31.77 7.40
CA PRO A 507 9.64 32.43 6.71
C PRO A 507 10.79 32.77 7.63
N ALA A 508 10.56 32.93 8.93
CA ALA A 508 11.67 33.24 9.84
C ALA A 508 12.66 32.10 9.89
N VAL A 509 12.19 30.87 10.16
CA VAL A 509 13.09 29.72 10.17
C VAL A 509 13.64 29.47 8.78
N ALA A 510 12.84 29.72 7.75
CA ALA A 510 13.36 29.63 6.39
C ALA A 510 14.41 30.71 6.13
N ILE A 511 14.34 31.85 6.83
CA ILE A 511 15.39 32.86 6.69
C ILE A 511 16.58 32.54 7.61
N PHE A 512 16.32 31.99 8.80
CA PHE A 512 17.40 31.67 9.74
C PHE A 512 18.34 30.62 9.17
N LYS A 513 17.80 29.44 8.80
CA LYS A 513 18.66 28.38 8.27
C LYS A 513 19.27 28.74 6.93
N LEU A 514 18.58 29.53 6.13
CA LEU A 514 19.13 29.94 4.84
C LEU A 514 20.42 30.75 5.06
N LEU A 515 20.49 31.51 6.15
CA LEU A 515 21.67 32.28 6.51
C LEU A 515 22.55 31.55 7.54
N SER A 516 22.31 30.26 7.78
CA SER A 516 23.08 29.46 8.74
C SER A 516 23.92 28.36 8.09
N THR A 517 23.80 28.15 6.78
CA THR A 517 24.54 27.09 6.10
C THR A 517 25.50 27.68 5.07
N PRO A 518 26.73 27.16 4.98
CA PRO A 518 27.67 27.64 3.95
C PRO A 518 27.26 27.22 2.54
N GLY A 519 27.90 27.85 1.56
CA GLY A 519 27.68 27.56 0.16
C GLY A 519 27.20 28.77 -0.63
N SER A 520 26.91 28.51 -1.90
CA SER A 520 26.40 29.49 -2.91
C SER A 520 24.91 29.71 -2.67
N LEU A 521 24.33 30.73 -3.30
CA LEU A 521 22.89 30.95 -3.02
C LEU A 521 22.07 29.76 -3.50
N ARG A 522 22.19 29.35 -4.76
CA ARG A 522 21.34 28.22 -5.21
C ARG A 522 21.77 26.98 -4.42
N GLN A 523 23.09 26.82 -4.33
CA GLN A 523 23.70 25.74 -3.54
C GLN A 523 23.07 25.60 -2.15
N ARG A 524 22.54 26.71 -1.59
CA ARG A 524 21.85 26.66 -0.30
C ARG A 524 20.46 26.04 -0.42
N PHE A 525 19.65 26.56 -1.34
CA PHE A 525 18.31 26.02 -1.58
C PHE A 525 18.35 24.50 -1.77
N THR A 526 19.30 24.02 -2.59
CA THR A 526 19.40 22.59 -2.86
C THR A 526 19.72 21.81 -1.59
N ILE A 527 20.61 22.33 -0.74
CA ILE A 527 20.91 21.67 0.53
C ILE A 527 19.73 21.76 1.49
N LEU A 528 18.95 22.85 1.42
CA LEU A 528 17.74 23.03 2.22
C LEU A 528 16.49 22.58 1.49
N THR A 529 16.63 21.81 0.42
CA THR A 529 15.51 21.06 -0.13
C THR A 529 15.83 19.57 -0.28
N THR A 530 16.99 19.11 0.17
CA THR A 530 17.27 17.68 0.09
C THR A 530 16.78 17.01 1.36
N PRO A 531 15.91 16.00 1.26
CA PRO A 531 15.35 15.36 2.44
C PRO A 531 16.39 14.59 3.23
N TRP A 532 16.05 14.37 4.50
CA TRP A 532 16.95 13.67 5.40
C TRP A 532 17.14 12.21 4.97
N ARG A 533 16.15 11.65 4.28
CA ARG A 533 16.19 10.26 3.84
C ARG A 533 17.05 10.10 2.58
N ASP A 534 17.11 11.13 1.73
CA ASP A 534 17.94 11.07 0.53
C ASP A 534 19.42 11.22 0.85
N GLN A 535 19.77 12.04 1.84
CA GLN A 535 21.16 12.20 2.24
C GLN A 535 21.73 10.97 2.94
N GLN A 536 21.00 9.85 2.95
CA GLN A 536 21.48 8.59 3.56
C GLN A 536 20.64 7.38 3.16
N GLU B 1 12.67 -16.37 5.80
CA GLU B 1 12.28 -16.80 4.45
C GLU B 1 11.00 -17.63 4.50
N ASN B 2 9.97 -17.21 3.78
CA ASN B 2 8.68 -17.89 3.84
C ASN B 2 8.63 -18.97 2.76
N VAL B 3 9.06 -20.19 3.09
CA VAL B 3 9.19 -21.26 2.10
C VAL B 3 7.81 -21.75 1.60
N LEU B 4 7.58 -21.63 0.27
CA LEU B 4 6.34 -22.09 -0.37
C LEU B 4 6.57 -23.42 -1.07
N THR B 5 5.69 -24.39 -0.80
CA THR B 5 5.81 -25.77 -1.25
C THR B 5 4.55 -26.09 -2.06
N GLN B 6 4.73 -26.55 -3.30
CA GLN B 6 3.59 -26.84 -4.16
C GLN B 6 3.43 -28.33 -4.35
N SER B 7 2.18 -28.78 -4.40
CA SER B 7 1.95 -30.19 -4.52
C SER B 7 0.75 -30.42 -5.44
N PRO B 8 0.81 -31.40 -6.35
CA PRO B 8 1.91 -32.33 -6.57
C PRO B 8 3.04 -31.69 -7.36
N ALA B 9 4.16 -32.39 -7.51
CA ALA B 9 5.26 -31.89 -8.33
C ALA B 9 4.99 -32.12 -9.81
N ILE B 10 4.39 -33.26 -10.14
CA ILE B 10 3.99 -33.57 -11.50
C ILE B 10 2.61 -34.22 -11.45
N MET B 11 1.69 -33.70 -12.25
CA MET B 11 0.41 -34.38 -12.46
C MET B 11 0.14 -34.44 -13.96
N SER B 12 -0.31 -35.61 -14.41
CA SER B 12 -0.78 -35.83 -15.77
C SER B 12 -2.30 -35.76 -15.76
N THR B 13 -2.87 -35.37 -16.89
CA THR B 13 -4.32 -35.14 -16.90
C THR B 13 -4.83 -35.26 -18.33
N SER B 14 -5.96 -35.98 -18.50
CA SER B 14 -6.66 -36.04 -19.79
C SER B 14 -7.45 -34.74 -20.01
N PRO B 15 -7.45 -34.21 -21.24
CA PRO B 15 -8.26 -33.00 -21.51
C PRO B 15 -9.72 -33.19 -21.11
N GLY B 16 -10.32 -32.09 -20.68
CA GLY B 16 -11.67 -32.11 -20.17
C GLY B 16 -11.80 -32.33 -18.68
N GLU B 17 -10.85 -33.05 -18.08
CA GLU B 17 -10.89 -33.36 -16.65
C GLU B 17 -10.70 -32.10 -15.80
N LYS B 18 -10.89 -32.26 -14.49
CA LYS B 18 -10.74 -31.17 -13.53
C LYS B 18 -9.49 -31.38 -12.67
N VAL B 19 -8.63 -30.35 -12.59
CA VAL B 19 -7.34 -30.44 -11.91
C VAL B 19 -7.24 -29.39 -10.81
N THR B 20 -6.75 -29.83 -9.65
CA THR B 20 -6.50 -28.98 -8.50
C THR B 20 -5.06 -29.14 -8.06
N MET B 21 -4.45 -28.04 -7.60
CA MET B 21 -3.05 -27.99 -7.20
C MET B 21 -2.94 -27.00 -6.06
N THR B 22 -2.11 -27.35 -5.07
CA THR B 22 -2.03 -26.67 -3.78
C THR B 22 -0.67 -25.97 -3.59
N CYS B 23 -0.71 -24.84 -2.85
CA CYS B 23 0.45 -24.04 -2.43
C CYS B 23 0.39 -23.93 -0.90
N ARG B 24 1.49 -24.29 -0.23
CA ARG B 24 1.49 -24.42 1.23
C ARG B 24 2.64 -23.61 1.82
N ALA B 25 2.29 -22.52 2.51
CA ALA B 25 3.26 -21.59 3.10
C ALA B 25 3.70 -22.03 4.48
N SER B 26 4.96 -21.73 4.79
CA SER B 26 5.52 -22.05 6.10
C SER B 26 5.13 -21.03 7.14
N SER B 27 4.61 -19.88 6.68
CA SER B 27 4.14 -18.78 7.49
C SER B 27 2.95 -18.18 6.77
N SER B 28 1.89 -17.89 7.53
CA SER B 28 0.65 -17.34 6.98
C SER B 28 0.92 -16.16 6.02
N VAL B 29 0.08 -16.05 5.00
CA VAL B 29 0.20 -15.01 3.95
C VAL B 29 -1.18 -14.37 3.77
N GLY B 30 -1.21 -13.05 3.61
CA GLY B 30 -2.48 -12.37 3.41
C GLY B 30 -3.00 -12.63 2.01
N SER B 31 -4.30 -12.94 1.89
CA SER B 31 -4.83 -13.46 0.63
C SER B 31 -4.69 -12.46 -0.50
N SER B 32 -4.54 -11.19 -0.20
CA SER B 32 -4.36 -10.21 -1.25
C SER B 32 -2.93 -10.13 -1.74
N TYR B 33 -2.06 -11.00 -1.22
CA TYR B 33 -0.63 -10.98 -1.50
C TYR B 33 -0.12 -12.26 -2.17
N LEU B 34 -0.98 -13.22 -2.44
CA LEU B 34 -0.55 -14.50 -3.01
C LEU B 34 -0.98 -14.57 -4.47
N HIS B 35 0.00 -14.72 -5.36
CA HIS B 35 -0.29 -14.71 -6.79
C HIS B 35 0.19 -16.00 -7.41
N TRP B 36 -0.19 -16.22 -8.69
CA TRP B 36 0.13 -17.43 -9.44
C TRP B 36 0.66 -17.06 -10.82
N TYR B 37 1.73 -17.73 -11.25
CA TYR B 37 2.31 -17.59 -12.60
C TYR B 37 2.28 -18.92 -13.33
N GLN B 38 2.00 -18.87 -14.63
CA GLN B 38 2.16 -20.01 -15.55
C GLN B 38 3.47 -19.81 -16.31
N GLN B 39 4.20 -20.91 -16.57
CA GLN B 39 5.40 -20.88 -17.42
C GLN B 39 5.43 -22.06 -18.37
N LYS B 40 5.47 -21.77 -19.67
CA LYS B 40 5.59 -22.81 -20.68
C LYS B 40 7.04 -23.03 -21.08
N SER B 41 7.33 -24.25 -21.54
CA SER B 41 8.70 -24.66 -21.82
C SER B 41 9.37 -23.71 -22.82
N GLY B 42 10.61 -23.35 -22.52
CA GLY B 42 11.35 -22.44 -23.37
C GLY B 42 10.85 -21.00 -23.42
N ALA B 43 9.90 -20.62 -22.59
CA ALA B 43 9.42 -19.23 -22.53
C ALA B 43 9.46 -18.72 -21.10
N SER B 44 9.36 -17.39 -20.97
CA SER B 44 9.31 -16.68 -19.69
C SER B 44 7.96 -16.82 -19.03
N PRO B 45 7.87 -16.58 -17.72
CA PRO B 45 6.59 -16.74 -17.00
C PRO B 45 5.59 -15.62 -17.30
N LYS B 46 4.31 -15.91 -17.06
CA LYS B 46 3.27 -14.90 -17.24
C LYS B 46 2.40 -14.81 -15.98
N LEU B 47 2.04 -13.58 -15.58
CA LEU B 47 1.14 -13.43 -14.44
C LEU B 47 -0.23 -13.97 -14.79
N TRP B 48 -0.74 -14.86 -13.92
CA TRP B 48 -1.93 -15.67 -14.16
C TRP B 48 -3.05 -15.38 -13.17
N ILE B 49 -2.79 -15.40 -11.88
CA ILE B 49 -3.78 -15.06 -10.85
C ILE B 49 -3.10 -14.19 -9.80
N TYR B 50 -3.69 -13.02 -9.49
CA TYR B 50 -3.23 -12.14 -8.41
C TYR B 50 -4.29 -12.02 -7.33
N SER B 51 -3.87 -11.72 -6.09
CA SER B 51 -4.77 -11.65 -4.93
C SER B 51 -5.67 -12.89 -4.80
N THR B 52 -5.03 -14.07 -4.82
CA THR B 52 -5.70 -15.36 -4.57
C THR B 52 -6.67 -15.83 -5.65
N SER B 53 -7.62 -14.98 -6.07
CA SER B 53 -8.68 -15.42 -6.96
C SER B 53 -8.91 -14.55 -8.20
N ASN B 54 -8.16 -13.47 -8.41
CA ASN B 54 -8.43 -12.57 -9.53
C ASN B 54 -7.62 -12.99 -10.75
N LEU B 55 -8.29 -13.16 -11.89
CA LEU B 55 -7.61 -13.63 -13.08
C LEU B 55 -6.91 -12.45 -13.76
N ALA B 56 -5.72 -12.74 -14.29
CA ALA B 56 -4.94 -11.75 -15.01
C ALA B 56 -5.46 -11.59 -16.43
N SER B 57 -4.91 -10.64 -17.15
CA SER B 57 -5.52 -10.26 -18.41
C SER B 57 -5.21 -11.35 -19.44
N GLY B 58 -6.25 -11.85 -20.12
CA GLY B 58 -6.05 -12.92 -21.10
C GLY B 58 -6.25 -14.33 -20.58
N VAL B 59 -6.46 -14.50 -19.28
CA VAL B 59 -6.57 -15.83 -18.66
C VAL B 59 -8.00 -16.33 -18.83
N PRO B 60 -8.20 -17.46 -19.52
CA PRO B 60 -9.55 -18.00 -19.71
C PRO B 60 -10.25 -18.25 -18.38
N ALA B 61 -11.59 -18.29 -18.44
CA ALA B 61 -12.34 -18.37 -17.21
C ALA B 61 -12.32 -19.76 -16.58
N ARG B 62 -11.72 -20.75 -17.24
CA ARG B 62 -11.66 -22.10 -16.65
C ARG B 62 -10.68 -22.18 -15.49
N PHE B 63 -9.97 -21.09 -15.15
CA PHE B 63 -9.07 -21.06 -14.01
C PHE B 63 -9.73 -20.28 -12.88
N SER B 64 -9.47 -20.71 -11.65
CA SER B 64 -9.96 -20.08 -10.44
C SER B 64 -8.86 -20.14 -9.40
N GLY B 65 -9.01 -19.37 -8.34
CA GLY B 65 -8.14 -19.47 -7.17
C GLY B 65 -8.96 -19.45 -5.90
N SER B 66 -8.50 -20.18 -4.89
CA SER B 66 -9.12 -20.13 -3.57
C SER B 66 -8.02 -20.28 -2.53
N GLY B 67 -8.41 -20.56 -1.29
CA GLY B 67 -7.47 -20.68 -0.20
C GLY B 67 -7.32 -19.38 0.58
N SER B 68 -6.68 -19.51 1.75
CA SER B 68 -6.30 -18.38 2.60
C SER B 68 -5.37 -18.89 3.69
N GLY B 69 -4.75 -17.97 4.40
CA GLY B 69 -3.82 -18.31 5.48
C GLY B 69 -2.50 -18.93 5.03
N THR B 70 -2.38 -20.25 5.16
CA THR B 70 -1.20 -20.97 4.72
C THR B 70 -1.49 -21.97 3.61
N SER B 71 -2.75 -22.12 3.18
CA SER B 71 -3.10 -23.09 2.16
C SER B 71 -3.89 -22.40 1.06
N TYR B 72 -3.44 -22.59 -0.18
CA TYR B 72 -4.08 -22.01 -1.34
C TYR B 72 -4.11 -23.03 -2.46
N SER B 73 -5.01 -22.81 -3.42
CA SER B 73 -5.22 -23.78 -4.50
C SER B 73 -5.55 -23.08 -5.81
N LEU B 74 -4.89 -23.55 -6.89
CA LEU B 74 -5.26 -23.25 -8.28
C LEU B 74 -6.06 -24.43 -8.83
N THR B 75 -7.13 -24.12 -9.56
CA THR B 75 -8.05 -25.15 -10.06
C THR B 75 -8.45 -24.84 -11.50
N ILE B 76 -8.46 -25.86 -12.36
CA ILE B 76 -8.88 -25.73 -13.75
C ILE B 76 -10.13 -26.58 -13.94
N SER B 77 -11.23 -25.91 -14.31
CA SER B 77 -12.53 -26.57 -14.43
C SER B 77 -12.46 -27.75 -15.40
N SER B 78 -12.13 -27.47 -16.67
CA SER B 78 -11.94 -28.52 -17.67
C SER B 78 -10.66 -28.20 -18.44
N VAL B 79 -9.68 -29.11 -18.37
CA VAL B 79 -8.36 -28.83 -18.90
C VAL B 79 -8.35 -28.94 -20.42
N GLU B 80 -7.48 -28.15 -21.05
CA GLU B 80 -7.19 -28.18 -22.48
C GLU B 80 -5.70 -28.41 -22.69
N ALA B 81 -5.32 -28.72 -23.93
CA ALA B 81 -3.92 -29.11 -24.16
C ALA B 81 -2.97 -27.91 -24.13
N GLU B 82 -3.50 -26.68 -24.29
CA GLU B 82 -2.70 -25.47 -24.24
C GLU B 82 -2.44 -24.99 -22.81
N ASP B 83 -2.86 -25.76 -21.81
CA ASP B 83 -2.58 -25.52 -20.40
C ASP B 83 -1.40 -26.30 -19.87
N ALA B 84 -0.83 -27.19 -20.68
CA ALA B 84 0.34 -27.95 -20.24
C ALA B 84 1.49 -26.98 -20.00
N ALA B 85 1.74 -26.67 -18.73
CA ALA B 85 2.74 -25.69 -18.31
C ALA B 85 3.23 -26.09 -16.92
N THR B 86 4.07 -25.24 -16.32
CA THR B 86 4.45 -25.35 -14.92
C THR B 86 3.91 -24.13 -14.18
N TYR B 87 3.27 -24.37 -13.03
CA TYR B 87 2.60 -23.32 -12.27
C TYR B 87 3.41 -23.05 -11.01
N TYR B 88 3.71 -21.76 -10.81
CA TYR B 88 4.43 -21.27 -9.64
C TYR B 88 3.53 -20.29 -8.88
N CYS B 89 3.37 -20.51 -7.57
CA CYS B 89 2.77 -19.49 -6.72
C CYS B 89 3.83 -18.56 -6.19
N GLN B 90 3.43 -17.34 -5.82
CA GLN B 90 4.37 -16.36 -5.31
C GLN B 90 3.75 -15.61 -4.13
N GLN B 91 4.62 -15.23 -3.18
CA GLN B 91 4.26 -14.48 -1.98
C GLN B 91 4.91 -13.09 -2.07
N PHE B 92 4.12 -12.04 -1.88
CA PHE B 92 4.58 -10.65 -2.04
C PHE B 92 4.40 -9.86 -0.76
N SER B 93 4.09 -10.52 0.35
CA SER B 93 3.72 -9.86 1.59
C SER B 93 4.92 -9.54 2.49
N GLY B 94 6.02 -10.28 2.38
CA GLY B 94 7.22 -9.97 3.14
C GLY B 94 8.47 -10.24 2.35
N TYR B 95 9.60 -9.70 2.85
CA TYR B 95 10.89 -9.89 2.22
C TYR B 95 11.71 -10.89 3.02
N PRO B 96 12.46 -11.80 2.38
CA PRO B 96 12.63 -11.99 0.93
C PRO B 96 11.36 -12.51 0.23
N LEU B 97 11.13 -12.04 -1.00
CA LEU B 97 10.03 -12.54 -1.83
C LEU B 97 10.32 -13.96 -2.28
N THR B 98 9.30 -14.84 -2.18
CA THR B 98 9.50 -16.28 -2.39
C THR B 98 8.53 -16.86 -3.41
N PHE B 99 9.06 -17.75 -4.25
CA PHE B 99 8.28 -18.48 -5.23
C PHE B 99 8.09 -19.90 -4.73
N GLY B 100 6.98 -20.52 -5.08
CA GLY B 100 6.78 -21.92 -4.75
C GLY B 100 7.77 -22.81 -5.48
N SER B 101 7.61 -24.12 -5.26
CA SER B 101 8.53 -25.10 -5.81
C SER B 101 8.14 -25.56 -7.21
N GLY B 102 6.92 -25.28 -7.65
CA GLY B 102 6.35 -25.67 -8.93
C GLY B 102 5.40 -26.84 -8.87
N THR B 103 4.35 -26.79 -9.70
CA THR B 103 3.56 -27.94 -10.11
C THR B 103 3.71 -28.08 -11.62
N LYS B 104 4.05 -29.27 -12.12
CA LYS B 104 4.12 -29.49 -13.55
C LYS B 104 2.86 -30.20 -14.03
N LEU B 105 2.16 -29.59 -15.01
CA LEU B 105 0.94 -30.16 -15.60
C LEU B 105 1.25 -30.72 -16.98
N GLU B 106 1.06 -32.02 -17.14
CA GLU B 106 1.29 -32.72 -18.39
C GLU B 106 0.02 -33.35 -18.90
N MET B 107 0.02 -33.69 -20.19
CA MET B 107 -1.19 -34.16 -20.83
C MET B 107 -1.19 -35.68 -20.80
N LYS B 108 -2.34 -36.27 -20.46
CA LYS B 108 -2.43 -37.73 -20.46
C LYS B 108 -2.81 -38.19 -21.86
N ARG B 109 -2.35 -39.37 -22.21
CA ARG B 109 -2.37 -39.81 -23.59
C ARG B 109 -2.47 -41.33 -23.57
N ALA B 110 -2.97 -41.88 -24.69
CA ALA B 110 -3.03 -43.34 -24.81
C ALA B 110 -1.63 -43.92 -24.85
N ASP B 111 -1.41 -45.03 -24.14
CA ASP B 111 -0.07 -45.61 -24.12
C ASP B 111 0.37 -46.01 -25.52
N ALA B 112 1.63 -45.69 -25.86
CA ALA B 112 2.19 -45.86 -27.18
C ALA B 112 3.61 -46.38 -27.06
N ALA B 113 4.00 -47.32 -28.01
CA ALA B 113 5.32 -47.95 -27.92
C ALA B 113 6.36 -47.15 -28.71
N PRO B 114 7.63 -47.26 -28.33
CA PRO B 114 8.69 -46.46 -28.96
C PRO B 114 9.22 -47.07 -30.26
N THR B 115 9.95 -46.25 -31.02
CA THR B 115 10.57 -46.63 -32.28
C THR B 115 12.10 -46.48 -32.16
N VAL B 116 12.82 -47.62 -32.06
CA VAL B 116 14.24 -47.65 -31.75
C VAL B 116 15.09 -47.66 -33.03
N SER B 117 16.19 -46.88 -33.03
CA SER B 117 17.13 -46.74 -34.15
C SER B 117 18.57 -46.81 -33.65
N ILE B 118 19.43 -47.63 -34.31
CA ILE B 118 20.87 -47.70 -33.98
C ILE B 118 21.65 -46.79 -34.91
N PHE B 119 22.78 -46.28 -34.42
CA PHE B 119 23.66 -45.45 -35.23
C PHE B 119 25.11 -45.69 -34.83
N PRO B 120 25.85 -46.51 -35.59
CA PRO B 120 27.26 -46.77 -35.27
C PRO B 120 28.10 -45.53 -35.45
N PRO B 121 29.32 -45.49 -34.89
CA PRO B 121 30.09 -44.25 -34.87
C PRO B 121 30.39 -43.72 -36.27
N SER B 122 30.17 -42.41 -36.40
CA SER B 122 30.46 -41.66 -37.61
C SER B 122 31.94 -41.77 -37.99
N SER B 123 32.21 -41.88 -39.30
CA SER B 123 33.60 -42.01 -39.76
C SER B 123 34.42 -40.79 -39.37
N GLU B 124 33.87 -39.58 -39.54
CA GLU B 124 34.56 -38.36 -39.11
C GLU B 124 34.96 -38.44 -37.64
N GLN B 125 34.14 -39.11 -36.83
CA GLN B 125 34.46 -39.23 -35.41
C GLN B 125 35.59 -40.23 -35.19
N LEU B 126 35.50 -41.40 -35.83
CA LEU B 126 36.50 -42.45 -35.67
C LEU B 126 37.92 -41.97 -35.98
N THR B 127 38.08 -40.94 -36.83
CA THR B 127 39.42 -40.47 -37.16
C THR B 127 40.14 -40.00 -35.90
N SER B 128 39.51 -39.07 -35.21
CA SER B 128 40.00 -38.73 -33.86
C SER B 128 39.76 -40.00 -33.05
N GLY B 129 40.50 -40.29 -32.01
CA GLY B 129 40.28 -41.60 -31.37
C GLY B 129 39.03 -41.43 -30.54
N GLY B 130 37.88 -41.72 -31.14
CA GLY B 130 36.59 -41.78 -30.43
C GLY B 130 35.58 -42.56 -31.22
N ALA B 131 34.69 -43.21 -30.49
CA ALA B 131 33.59 -44.01 -31.01
C ALA B 131 32.36 -43.79 -30.13
N SER B 132 31.37 -43.05 -30.64
CA SER B 132 30.07 -42.93 -29.97
C SER B 132 29.00 -43.63 -30.80
N VAL B 133 28.47 -44.73 -30.27
CA VAL B 133 27.27 -45.39 -30.77
C VAL B 133 26.05 -44.81 -30.03
N VAL B 134 25.04 -44.33 -30.79
CA VAL B 134 23.87 -43.65 -30.21
C VAL B 134 22.63 -44.49 -30.50
N CYS B 135 21.64 -44.35 -29.63
CA CYS B 135 20.35 -45.02 -29.78
C CYS B 135 19.25 -43.96 -29.58
N PHE B 136 18.26 -43.95 -30.48
CA PHE B 136 17.09 -43.08 -30.34
C PHE B 136 15.90 -43.93 -29.93
N LEU B 137 15.00 -43.35 -29.13
CA LEU B 137 13.72 -44.00 -28.75
C LEU B 137 12.64 -42.93 -28.91
N ASN B 138 11.88 -42.98 -30.01
CA ASN B 138 11.06 -41.86 -30.47
C ASN B 138 9.56 -42.12 -30.34
N ASN B 139 8.85 -41.06 -29.92
CA ASN B 139 7.38 -40.93 -29.89
C ASN B 139 6.66 -42.04 -29.13
N PHE B 140 6.73 -42.00 -27.79
CA PHE B 140 6.22 -43.06 -26.93
C PHE B 140 5.57 -42.46 -25.69
N TYR B 141 4.88 -43.32 -24.91
CA TYR B 141 4.16 -42.87 -23.73
C TYR B 141 3.91 -44.08 -22.87
N PRO B 142 4.03 -43.98 -21.53
CA PRO B 142 4.38 -42.80 -20.74
C PRO B 142 5.87 -42.46 -20.71
N LYS B 143 6.24 -41.56 -19.79
CA LYS B 143 7.57 -40.95 -19.83
C LYS B 143 8.66 -41.91 -19.38
N ASP B 144 8.35 -42.85 -18.49
CA ASP B 144 9.39 -43.73 -17.96
C ASP B 144 9.81 -44.72 -19.03
N ILE B 145 11.10 -44.83 -19.27
CA ILE B 145 11.62 -45.87 -20.16
C ILE B 145 13.02 -46.21 -19.67
N ASN B 146 13.38 -47.49 -19.74
CA ASN B 146 14.70 -47.95 -19.33
C ASN B 146 15.44 -48.54 -20.51
N VAL B 147 16.76 -48.35 -20.54
CA VAL B 147 17.56 -48.77 -21.68
C VAL B 147 18.73 -49.62 -21.19
N LYS B 148 19.22 -50.49 -22.08
CA LYS B 148 20.33 -51.38 -21.75
C LYS B 148 21.23 -51.52 -22.97
N TRP B 149 22.54 -51.42 -22.74
CA TRP B 149 23.56 -51.55 -23.79
C TRP B 149 24.26 -52.90 -23.64
N LYS B 150 24.34 -53.64 -24.74
CA LYS B 150 25.09 -54.89 -24.77
C LYS B 150 26.14 -54.79 -25.87
N ILE B 151 27.33 -55.29 -25.56
CA ILE B 151 28.48 -55.37 -26.46
C ILE B 151 28.87 -56.84 -26.55
N ASP B 152 28.58 -57.47 -27.70
CA ASP B 152 28.85 -58.90 -27.90
C ASP B 152 28.11 -59.73 -26.84
N GLY B 153 26.89 -59.29 -26.51
CA GLY B 153 26.01 -60.02 -25.62
C GLY B 153 26.22 -59.77 -24.15
N SER B 154 27.27 -59.02 -23.76
CA SER B 154 27.52 -58.69 -22.36
C SER B 154 27.15 -57.22 -22.10
N GLU B 155 26.43 -57.01 -20.99
CA GLU B 155 25.85 -55.70 -20.66
C GLU B 155 26.91 -54.69 -20.24
N ARG B 156 26.86 -53.51 -20.87
CA ARG B 156 27.75 -52.38 -20.60
C ARG B 156 26.98 -51.30 -19.85
N GLN B 157 27.52 -50.84 -18.71
CA GLN B 157 26.78 -49.96 -17.81
C GLN B 157 27.33 -48.54 -17.66
N ASN B 158 28.63 -48.34 -17.83
CA ASN B 158 29.27 -47.05 -17.60
C ASN B 158 29.53 -46.28 -18.91
N GLY B 159 29.55 -44.96 -18.78
CA GLY B 159 29.81 -44.08 -19.91
C GLY B 159 28.65 -43.91 -20.87
N VAL B 160 27.51 -43.45 -20.35
CA VAL B 160 26.26 -43.38 -21.09
C VAL B 160 25.61 -42.02 -20.80
N LEU B 161 25.28 -41.28 -21.84
CA LEU B 161 24.57 -40.01 -21.70
C LEU B 161 23.12 -40.22 -22.15
N ASN B 162 22.18 -40.02 -21.23
CA ASN B 162 20.76 -40.12 -21.55
C ASN B 162 20.12 -38.75 -21.51
N SER B 163 19.27 -38.46 -22.50
CA SER B 163 18.57 -37.17 -22.58
C SER B 163 17.11 -37.39 -22.94
N TRP B 164 16.23 -36.59 -22.32
CA TRP B 164 14.79 -36.69 -22.48
C TRP B 164 14.26 -35.44 -23.15
N THR B 165 13.19 -35.56 -23.93
CA THR B 165 12.51 -34.39 -24.48
C THR B 165 11.33 -33.99 -23.59
N ASP B 166 10.90 -32.75 -23.75
CA ASP B 166 9.65 -32.31 -23.13
C ASP B 166 8.48 -32.95 -23.88
N GLN B 167 7.33 -33.00 -23.23
CA GLN B 167 6.16 -33.59 -23.86
C GLN B 167 5.81 -32.86 -25.17
N ASP B 168 5.83 -33.61 -26.26
CA ASP B 168 5.44 -33.09 -27.58
C ASP B 168 4.04 -32.47 -27.55
N SER B 169 3.93 -31.25 -28.12
CA SER B 169 2.70 -30.45 -28.13
C SER B 169 1.77 -30.81 -29.27
N LYS B 170 1.94 -31.98 -29.87
CA LYS B 170 1.10 -32.43 -30.98
C LYS B 170 0.48 -33.77 -30.66
N ASP B 171 1.29 -34.82 -30.46
CA ASP B 171 0.77 -36.11 -30.07
C ASP B 171 0.96 -36.42 -28.59
N SER B 172 1.35 -35.43 -27.78
CA SER B 172 1.54 -35.60 -26.33
C SER B 172 2.50 -36.75 -25.96
N THR B 173 3.42 -37.16 -26.85
CA THR B 173 4.34 -38.26 -26.56
C THR B 173 5.67 -37.73 -25.99
N TYR B 174 6.59 -38.67 -25.68
CA TYR B 174 7.96 -38.37 -25.23
C TYR B 174 8.97 -39.00 -26.20
N SER B 175 10.26 -38.67 -26.02
CA SER B 175 11.35 -39.28 -26.77
C SER B 175 12.63 -39.18 -25.95
N MET B 176 13.54 -40.13 -26.14
CA MET B 176 14.83 -40.17 -25.45
C MET B 176 15.96 -40.65 -26.38
N SER B 177 17.16 -40.09 -26.18
CA SER B 177 18.39 -40.55 -26.81
C SER B 177 19.38 -41.01 -25.74
N SER B 178 19.90 -42.23 -25.88
CA SER B 178 21.02 -42.73 -25.09
C SER B 178 22.27 -42.83 -25.98
N THR B 179 23.42 -42.41 -25.45
CA THR B 179 24.65 -42.27 -26.26
C THR B 179 25.82 -42.91 -25.50
N LEU B 180 26.15 -44.15 -25.87
CA LEU B 180 27.33 -44.84 -25.33
C LEU B 180 28.60 -44.27 -25.96
N THR B 181 29.57 -43.88 -25.13
CA THR B 181 30.85 -43.40 -25.63
C THR B 181 31.96 -44.32 -25.12
N LEU B 182 32.70 -44.89 -26.07
CA LEU B 182 33.88 -45.67 -25.79
C LEU B 182 35.00 -45.24 -26.74
N THR B 183 36.22 -45.67 -26.43
CA THR B 183 37.39 -45.27 -27.21
C THR B 183 37.37 -45.99 -28.57
N LYS B 184 38.16 -45.47 -29.52
CA LYS B 184 38.19 -46.11 -30.84
C LYS B 184 38.85 -47.48 -30.75
N ASP B 185 39.89 -47.60 -29.91
CA ASP B 185 40.58 -48.87 -29.73
C ASP B 185 39.67 -49.91 -29.08
N GLU B 186 38.67 -49.46 -28.33
CA GLU B 186 37.66 -50.32 -27.73
C GLU B 186 36.61 -50.75 -28.74
N TYR B 187 36.16 -49.82 -29.59
CA TYR B 187 35.06 -50.13 -30.50
C TYR B 187 35.53 -51.11 -31.56
N GLU B 188 36.82 -51.11 -31.88
CA GLU B 188 37.35 -51.92 -32.96
C GLU B 188 37.77 -53.33 -32.52
N ARG B 189 37.66 -53.67 -31.23
CA ARG B 189 37.90 -55.03 -30.75
C ARG B 189 36.63 -55.67 -30.20
N HIS B 190 35.46 -55.30 -30.74
CA HIS B 190 34.23 -56.03 -30.48
C HIS B 190 33.36 -55.91 -31.73
N ASN B 191 32.41 -56.83 -31.87
CA ASN B 191 31.69 -56.96 -33.14
C ASN B 191 30.22 -56.57 -33.06
N SER B 192 29.49 -57.08 -32.06
CA SER B 192 28.05 -56.84 -31.95
C SER B 192 27.79 -55.72 -30.93
N TYR B 193 27.02 -54.72 -31.35
CA TYR B 193 26.51 -53.70 -30.45
C TYR B 193 24.99 -53.75 -30.44
N THR B 194 24.42 -53.72 -29.24
CA THR B 194 23.00 -53.93 -29.09
C THR B 194 22.42 -52.84 -28.20
N CYS B 195 21.17 -52.49 -28.46
CA CYS B 195 20.46 -51.43 -27.73
C CYS B 195 19.08 -51.96 -27.36
N GLU B 196 18.90 -52.33 -26.09
CA GLU B 196 17.67 -52.97 -25.63
C GLU B 196 16.84 -51.96 -24.83
N ALA B 197 15.56 -51.82 -25.19
CA ALA B 197 14.66 -50.85 -24.54
C ALA B 197 13.50 -51.57 -23.86
N THR B 198 13.45 -51.49 -22.54
CA THR B 198 12.33 -51.99 -21.73
C THR B 198 11.34 -50.85 -21.48
N HIS B 199 10.09 -51.06 -21.86
CA HIS B 199 9.03 -50.07 -21.69
C HIS B 199 7.81 -50.79 -21.15
N LYS B 200 6.89 -50.00 -20.59
CA LYS B 200 5.68 -50.56 -19.97
C LYS B 200 4.81 -51.26 -21.00
N THR B 201 4.89 -50.84 -22.28
CA THR B 201 4.07 -51.44 -23.31
C THR B 201 4.31 -52.94 -23.42
N SER B 202 5.54 -53.35 -23.75
CA SER B 202 5.83 -54.75 -24.00
C SER B 202 6.46 -55.40 -22.77
N THR B 203 6.18 -56.71 -22.63
CA THR B 203 6.84 -57.54 -21.62
C THR B 203 8.32 -57.74 -21.94
N SER B 204 8.60 -58.37 -23.08
CA SER B 204 9.95 -58.50 -23.58
C SER B 204 10.44 -57.14 -24.11
N PRO B 205 11.77 -56.92 -24.12
CA PRO B 205 12.28 -55.65 -24.64
C PRO B 205 12.49 -55.63 -26.15
N ILE B 206 12.28 -54.43 -26.71
CA ILE B 206 12.59 -54.15 -28.12
C ILE B 206 14.09 -54.12 -28.31
N VAL B 207 14.57 -54.84 -29.32
CA VAL B 207 16.01 -54.93 -29.56
C VAL B 207 16.31 -54.29 -30.90
N LYS B 208 17.43 -53.55 -30.97
CA LYS B 208 17.99 -53.07 -32.23
C LYS B 208 19.50 -53.24 -32.14
N SER B 209 20.11 -53.80 -33.17
CA SER B 209 21.50 -54.21 -33.06
C SER B 209 22.14 -54.13 -34.44
N PHE B 210 23.46 -54.30 -34.47
CA PHE B 210 24.22 -54.23 -35.71
C PHE B 210 25.59 -54.86 -35.47
N ASN B 211 26.23 -55.23 -36.57
CA ASN B 211 27.58 -55.77 -36.51
C ASN B 211 28.54 -54.84 -37.24
N ARG B 212 29.76 -54.73 -36.69
CA ARG B 212 30.77 -53.79 -37.17
C ARG B 212 31.31 -54.22 -38.54
N ASN B 213 30.66 -55.19 -39.18
CA ASN B 213 31.12 -55.73 -40.46
C ASN B 213 30.44 -55.02 -41.62
N GLU B 214 29.12 -55.19 -41.75
CA GLU B 214 28.37 -54.64 -42.89
C GLU B 214 28.51 -53.13 -42.98
N GLU C 1 2.03 -4.05 -25.51
CA GLU C 1 2.84 -2.93 -25.99
C GLU C 1 4.05 -2.68 -25.06
N VAL C 2 3.85 -2.94 -23.77
CA VAL C 2 4.93 -2.88 -22.80
C VAL C 2 5.87 -4.08 -23.01
N GLN C 3 7.16 -3.81 -23.03
CA GLN C 3 8.13 -4.83 -23.38
C GLN C 3 9.41 -4.66 -22.56
N LEU C 4 9.94 -5.77 -22.06
CA LEU C 4 11.20 -5.80 -21.32
C LEU C 4 12.15 -6.74 -22.04
N VAL C 5 13.36 -6.25 -22.35
CA VAL C 5 14.39 -7.07 -22.99
C VAL C 5 15.67 -6.97 -22.19
N GLU C 6 16.12 -8.11 -21.65
CA GLU C 6 17.32 -8.21 -20.85
C GLU C 6 18.51 -8.56 -21.73
N SER C 7 19.70 -8.27 -21.22
CA SER C 7 20.88 -8.06 -22.06
C SER C 7 22.15 -8.17 -21.25
N GLY C 8 23.24 -8.47 -21.95
CA GLY C 8 24.53 -8.67 -21.29
C GLY C 8 24.59 -10.07 -20.75
N GLY C 9 25.68 -10.41 -20.11
CA GLY C 9 25.62 -11.73 -19.52
C GLY C 9 25.90 -12.89 -20.45
N GLY C 10 26.49 -13.95 -19.89
CA GLY C 10 27.26 -14.92 -20.64
C GLY C 10 28.14 -15.69 -19.69
N LEU C 11 29.40 -15.94 -20.04
CA LEU C 11 30.28 -16.76 -19.20
C LEU C 11 31.25 -15.88 -18.39
N VAL C 12 31.31 -16.14 -17.07
CA VAL C 12 32.25 -15.53 -16.14
C VAL C 12 32.93 -16.63 -15.34
N LYS C 13 34.18 -16.32 -14.86
CA LYS C 13 34.88 -17.19 -13.93
C LYS C 13 34.53 -16.82 -12.51
N PRO C 14 34.62 -17.78 -11.59
CA PRO C 14 34.24 -17.52 -10.20
C PRO C 14 35.09 -16.40 -9.59
N GLY C 15 34.42 -15.52 -8.85
CA GLY C 15 35.02 -14.29 -8.42
C GLY C 15 34.89 -13.16 -9.41
N GLY C 16 34.58 -13.48 -10.68
CA GLY C 16 34.36 -12.45 -11.69
C GLY C 16 33.26 -11.47 -11.36
N SER C 17 32.90 -10.64 -12.32
CA SER C 17 31.89 -9.61 -12.12
C SER C 17 31.18 -9.35 -13.44
N LEU C 18 29.85 -9.28 -13.42
CA LEU C 18 29.12 -8.91 -14.63
C LEU C 18 28.01 -7.93 -14.34
N LYS C 19 27.62 -7.18 -15.38
CA LYS C 19 26.54 -6.21 -15.30
C LYS C 19 25.50 -6.52 -16.38
N LEU C 20 24.28 -6.85 -15.95
CA LEU C 20 23.13 -7.11 -16.84
C LEU C 20 22.29 -5.85 -16.97
N SER C 21 21.41 -5.87 -17.99
CA SER C 21 20.66 -4.68 -18.37
C SER C 21 19.28 -5.07 -18.85
N CYS C 22 18.25 -4.30 -18.49
CA CYS C 22 16.90 -4.53 -18.99
C CYS C 22 16.32 -3.27 -19.61
N ALA C 23 15.92 -3.36 -20.88
CA ALA C 23 15.51 -2.20 -21.66
C ALA C 23 13.99 -2.10 -21.64
N ALA C 24 13.48 -1.17 -20.85
CA ALA C 24 12.04 -0.96 -20.71
C ALA C 24 11.51 -0.08 -21.84
N SER C 25 10.33 -0.44 -22.35
CA SER C 25 9.73 0.36 -23.41
C SER C 25 8.24 0.02 -23.49
N GLY C 26 7.44 1.03 -23.79
CA GLY C 26 6.02 0.87 -23.94
C GLY C 26 5.19 1.25 -22.74
N PHE C 27 5.79 1.92 -21.75
CA PHE C 27 5.08 2.39 -20.57
C PHE C 27 5.98 3.42 -19.88
N THR C 28 5.45 4.03 -18.82
CA THR C 28 6.21 5.04 -18.07
C THR C 28 7.10 4.36 -17.01
N PHE C 29 8.30 3.97 -17.45
CA PHE C 29 9.21 3.18 -16.61
C PHE C 29 9.38 3.77 -15.21
N SER C 30 9.48 5.10 -15.11
CA SER C 30 9.77 5.77 -13.83
C SER C 30 8.65 5.62 -12.81
N SER C 31 7.45 5.19 -13.22
CA SER C 31 6.30 5.11 -12.32
C SER C 31 6.15 3.75 -11.66
N TYR C 32 6.95 2.76 -12.07
CA TYR C 32 6.83 1.35 -11.69
C TYR C 32 8.15 0.86 -11.10
N ALA C 33 8.09 0.23 -9.93
CA ALA C 33 9.27 -0.41 -9.37
C ALA C 33 9.56 -1.71 -10.11
N MET C 34 10.82 -2.14 -10.07
CA MET C 34 11.25 -3.31 -10.84
C MET C 34 12.08 -4.26 -9.98
N SER C 35 12.22 -5.49 -10.47
CA SER C 35 12.88 -6.52 -9.68
C SER C 35 13.54 -7.57 -10.58
N TRP C 36 14.65 -8.14 -10.10
CA TRP C 36 15.38 -9.18 -10.81
C TRP C 36 15.03 -10.53 -10.18
N VAL C 37 14.45 -11.43 -10.97
CA VAL C 37 14.17 -12.81 -10.58
C VAL C 37 15.02 -13.73 -11.47
N ARG C 38 15.61 -14.76 -10.88
CA ARG C 38 16.45 -15.70 -11.61
C ARG C 38 15.83 -17.09 -11.59
N GLN C 39 16.30 -17.92 -12.53
CA GLN C 39 15.85 -19.30 -12.66
C GLN C 39 17.03 -20.21 -12.90
N SER C 40 17.30 -21.09 -11.93
CA SER C 40 18.42 -22.02 -11.97
C SER C 40 18.25 -23.03 -13.12
N PRO C 41 19.25 -23.86 -13.39
CA PRO C 41 19.03 -24.90 -14.40
C PRO C 41 18.19 -26.05 -13.88
N GLU C 42 17.95 -26.11 -12.57
CA GLU C 42 16.95 -26.97 -11.96
C GLU C 42 15.54 -26.32 -11.95
N LYS C 43 15.36 -25.26 -12.75
CA LYS C 43 14.04 -24.71 -13.10
C LYS C 43 13.31 -24.12 -11.88
N ARG C 44 14.08 -23.59 -10.91
CA ARG C 44 13.52 -23.05 -9.66
C ARG C 44 13.59 -21.52 -9.64
N LEU C 45 12.44 -20.87 -9.65
CA LEU C 45 12.39 -19.41 -9.57
C LEU C 45 12.86 -18.91 -8.20
N GLU C 46 13.65 -17.82 -8.23
CA GLU C 46 14.23 -17.18 -7.05
C GLU C 46 14.32 -15.67 -7.27
N TRP C 47 13.79 -14.89 -6.35
CA TRP C 47 13.84 -13.44 -6.39
C TRP C 47 15.20 -12.95 -5.90
N VAL C 48 15.70 -11.85 -6.49
CA VAL C 48 17.07 -11.40 -6.26
C VAL C 48 17.13 -10.03 -5.59
N ALA C 49 16.43 -9.03 -6.16
CA ALA C 49 16.50 -7.66 -5.67
C ALA C 49 15.36 -6.84 -6.25
N GLU C 50 14.77 -5.95 -5.43
CA GLU C 50 13.73 -5.03 -5.86
C GLU C 50 14.28 -3.61 -5.76
N ILE C 51 13.79 -2.72 -6.61
CA ILE C 51 14.21 -1.32 -6.57
C ILE C 51 12.97 -0.47 -6.76
N SER C 52 12.72 0.44 -5.82
CA SER C 52 11.52 1.26 -5.89
C SER C 52 11.52 2.10 -7.18
N SER C 53 10.34 2.63 -7.50
CA SER C 53 10.15 3.43 -8.71
C SER C 53 11.12 4.63 -8.81
N GLY C 54 11.71 5.08 -7.70
CA GLY C 54 12.68 6.16 -7.78
C GLY C 54 14.02 5.75 -7.21
N GLY C 55 14.11 4.46 -6.86
CA GLY C 55 15.36 3.86 -6.45
C GLY C 55 15.74 4.15 -5.03
N ARG C 56 14.89 4.86 -4.28
CA ARG C 56 15.13 5.20 -2.89
C ARG C 56 14.87 4.04 -1.95
N TYR C 57 14.05 3.06 -2.35
CA TYR C 57 13.80 1.85 -1.57
C TYR C 57 14.31 0.63 -2.36
N ILE C 58 15.25 -0.12 -1.77
CA ILE C 58 15.95 -1.21 -2.45
C ILE C 58 16.09 -2.41 -1.50
N TYR C 59 15.49 -3.54 -1.88
CA TYR C 59 15.54 -4.78 -1.10
C TYR C 59 16.35 -5.85 -1.86
N TYR C 60 17.38 -6.41 -1.22
CA TYR C 60 18.12 -7.51 -1.82
C TYR C 60 17.65 -8.84 -1.24
N SER C 61 18.30 -9.91 -1.63
CA SER C 61 18.11 -11.22 -1.03
C SER C 61 19.32 -11.58 -0.20
N ASP C 62 19.12 -12.44 0.79
CA ASP C 62 20.27 -12.78 1.63
C ASP C 62 21.35 -13.55 0.90
N THR C 63 21.03 -14.13 -0.27
CA THR C 63 22.00 -14.92 -1.03
C THR C 63 22.86 -14.07 -1.96
N VAL C 64 22.49 -12.80 -2.19
CA VAL C 64 23.23 -11.94 -3.11
C VAL C 64 23.65 -10.64 -2.43
N THR C 65 23.26 -10.47 -1.17
CA THR C 65 23.50 -9.17 -0.55
C THR C 65 25.00 -8.99 -0.28
N GLY C 66 25.47 -7.76 -0.47
CA GLY C 66 26.89 -7.48 -0.40
C GLY C 66 27.66 -7.75 -1.67
N ARG C 67 27.14 -8.62 -2.55
CA ARG C 67 27.73 -8.88 -3.86
C ARG C 67 26.99 -8.19 -5.01
N PHE C 68 25.66 -8.18 -4.98
CA PHE C 68 24.89 -7.64 -6.09
C PHE C 68 24.44 -6.22 -5.78
N THR C 69 24.32 -5.42 -6.85
CA THR C 69 23.77 -4.06 -6.72
C THR C 69 22.76 -3.79 -7.83
N ILE C 70 21.60 -3.30 -7.44
CA ILE C 70 20.54 -2.95 -8.39
C ILE C 70 20.49 -1.42 -8.53
N SER C 71 20.17 -0.94 -9.74
CA SER C 71 20.09 0.50 -9.96
C SER C 71 19.17 0.78 -11.13
N ARG C 72 18.71 2.03 -11.21
CA ARG C 72 17.79 2.54 -12.22
C ARG C 72 18.45 3.66 -13.02
N ASP C 73 17.79 4.03 -14.12
CA ASP C 73 18.14 5.14 -15.01
C ASP C 73 16.83 5.57 -15.66
N ASN C 74 15.98 6.24 -14.89
CA ASN C 74 14.69 6.69 -15.40
C ASN C 74 14.81 7.72 -16.51
N ALA C 75 16.02 8.26 -16.73
CA ALA C 75 16.26 9.10 -17.89
C ALA C 75 16.25 8.32 -19.20
N ARG C 76 16.87 7.13 -19.22
CA ARG C 76 16.95 6.33 -20.44
C ARG C 76 16.19 5.02 -20.39
N ASN C 77 15.45 4.75 -19.31
CA ASN C 77 14.59 3.56 -19.16
C ASN C 77 15.39 2.26 -19.13
N ILE C 78 16.45 2.21 -18.31
CA ILE C 78 17.32 1.03 -18.23
C ILE C 78 17.39 0.57 -16.78
N LEU C 79 17.29 -0.75 -16.55
CA LEU C 79 17.45 -1.35 -15.23
C LEU C 79 18.70 -2.23 -15.22
N HIS C 80 19.60 -1.95 -14.29
CA HIS C 80 20.91 -2.62 -14.22
C HIS C 80 20.99 -3.54 -13.01
N LEU C 81 21.95 -4.46 -13.08
CA LEU C 81 22.19 -5.37 -11.96
C LEU C 81 23.69 -5.71 -12.03
N GLU C 82 24.45 -5.06 -11.16
CA GLU C 82 25.89 -5.21 -11.09
C GLU C 82 26.20 -6.38 -10.16
N MET C 83 26.83 -7.39 -10.71
CA MET C 83 27.15 -8.59 -9.97
C MET C 83 28.65 -8.62 -9.80
N SER C 84 29.08 -8.76 -8.56
CA SER C 84 30.49 -8.94 -8.27
C SER C 84 30.64 -10.23 -7.50
N SER C 85 31.88 -10.68 -7.40
CA SER C 85 32.21 -11.79 -6.53
C SER C 85 31.28 -12.95 -6.87
N LEU C 86 31.23 -13.28 -8.17
CA LEU C 86 30.29 -14.29 -8.68
C LEU C 86 30.70 -15.70 -8.25
N ARG C 87 29.69 -16.53 -8.05
CA ARG C 87 29.85 -17.92 -7.63
C ARG C 87 29.07 -18.82 -8.58
N SER C 88 29.46 -20.10 -8.61
CA SER C 88 28.76 -21.02 -9.49
C SER C 88 27.27 -21.10 -9.16
N GLU C 89 26.89 -20.88 -7.90
CA GLU C 89 25.48 -20.91 -7.54
C GLU C 89 24.69 -19.83 -8.24
N ASP C 90 25.33 -18.70 -8.60
CA ASP C 90 24.68 -17.62 -9.32
C ASP C 90 24.38 -17.96 -10.79
N THR C 91 24.64 -19.19 -11.23
CA THR C 91 24.33 -19.63 -12.60
C THR C 91 22.84 -19.82 -12.76
N ALA C 92 22.24 -19.04 -13.64
CA ALA C 92 20.80 -19.06 -13.88
C ALA C 92 20.53 -18.21 -15.12
N MET C 93 19.31 -18.31 -15.61
CA MET C 93 18.76 -17.26 -16.43
C MET C 93 18.19 -16.14 -15.55
N TYR C 94 18.56 -14.90 -15.84
CA TYR C 94 18.11 -13.74 -15.06
C TYR C 94 16.96 -13.04 -15.79
N TYR C 95 15.80 -12.94 -15.12
CA TYR C 95 14.61 -12.26 -15.62
C TYR C 95 14.38 -10.92 -14.95
N CYS C 96 13.77 -10.03 -15.72
CA CYS C 96 13.48 -8.65 -15.32
C CYS C 96 11.97 -8.47 -15.29
N ALA C 97 11.41 -8.25 -14.10
CA ALA C 97 9.97 -8.25 -13.92
C ALA C 97 9.48 -6.91 -13.39
N ARG C 98 8.29 -6.52 -13.83
CA ARG C 98 7.73 -5.23 -13.45
C ARG C 98 6.65 -5.46 -12.40
N GLY C 99 6.92 -5.00 -11.17
CA GLY C 99 5.97 -5.15 -10.05
C GLY C 99 5.91 -3.90 -9.19
N GLU C 100 4.94 -3.02 -9.45
CA GLU C 100 4.79 -1.76 -8.67
C GLU C 100 3.74 -1.95 -7.58
N VAL C 101 2.73 -2.78 -7.84
CA VAL C 101 1.67 -3.04 -6.87
C VAL C 101 1.94 -4.42 -6.29
N ARG C 102 2.22 -4.46 -4.97
CA ARG C 102 2.49 -5.74 -4.30
C ARG C 102 1.26 -6.63 -4.34
N GLN C 103 0.08 -6.03 -4.34
CA GLN C 103 -1.15 -6.79 -4.41
C GLN C 103 -1.46 -7.27 -5.82
N ARG C 104 -0.53 -7.12 -6.78
CA ARG C 104 -0.79 -7.49 -8.17
C ARG C 104 0.31 -8.31 -8.80
N GLY C 105 1.36 -8.67 -8.04
CA GLY C 105 2.46 -9.42 -8.63
C GLY C 105 3.22 -8.70 -9.73
N PHE C 106 4.01 -9.49 -10.43
CA PHE C 106 4.84 -9.04 -11.56
C PHE C 106 4.00 -9.10 -12.83
N ASP C 107 3.49 -7.92 -13.27
CA ASP C 107 2.54 -7.87 -14.39
C ASP C 107 3.24 -8.14 -15.73
N TYR C 108 4.54 -7.82 -15.85
CA TYR C 108 5.21 -8.08 -17.11
C TYR C 108 6.64 -8.58 -16.86
N TRP C 109 6.97 -9.69 -17.51
CA TRP C 109 8.30 -10.30 -17.46
C TRP C 109 9.01 -10.13 -18.79
N GLY C 110 10.33 -10.10 -18.71
CA GLY C 110 11.13 -9.94 -19.90
C GLY C 110 11.28 -11.27 -20.57
N GLN C 111 12.45 -11.55 -21.09
CA GLN C 111 12.67 -12.78 -21.83
C GLN C 111 13.88 -13.55 -21.32
N GLY C 112 14.64 -13.02 -20.39
CA GLY C 112 15.77 -13.73 -19.85
C GLY C 112 17.06 -13.30 -20.48
N THR C 113 18.12 -13.35 -19.69
CA THR C 113 19.47 -13.43 -20.20
C THR C 113 20.20 -14.46 -19.35
N THR C 114 21.09 -15.23 -19.97
CA THR C 114 21.72 -16.35 -19.32
C THR C 114 23.12 -16.03 -18.82
N LEU C 115 23.38 -16.49 -17.59
CA LEU C 115 24.66 -16.38 -16.94
C LEU C 115 25.14 -17.78 -16.60
N THR C 116 26.34 -18.11 -17.06
CA THR C 116 27.06 -19.32 -16.67
C THR C 116 28.24 -18.86 -15.83
N VAL C 117 28.46 -19.48 -14.68
CA VAL C 117 29.59 -19.11 -13.86
C VAL C 117 30.38 -20.38 -13.66
N SER C 118 31.40 -20.58 -14.50
CA SER C 118 32.19 -21.80 -14.46
C SER C 118 33.67 -21.47 -14.59
N SER C 119 34.52 -22.30 -13.99
CA SER C 119 35.93 -22.16 -14.35
C SER C 119 36.24 -22.93 -15.63
N ALA C 120 35.27 -23.64 -16.18
CA ALA C 120 35.42 -24.34 -17.44
C ALA C 120 35.77 -23.36 -18.57
N LYS C 121 36.34 -23.94 -19.62
CA LYS C 121 36.85 -23.24 -20.78
C LYS C 121 35.91 -23.43 -21.97
N THR C 122 35.82 -22.41 -22.81
CA THR C 122 34.98 -22.44 -24.01
C THR C 122 35.59 -23.37 -25.06
N THR C 123 34.93 -24.49 -25.38
CA THR C 123 35.42 -25.33 -26.48
C THR C 123 34.31 -25.48 -27.53
N ALA C 124 34.76 -25.58 -28.95
CA ALA C 124 33.75 -25.73 -30.01
C ALA C 124 33.34 -27.18 -30.18
N PRO C 125 32.11 -27.46 -30.60
CA PRO C 125 31.71 -28.85 -30.82
C PRO C 125 32.33 -29.47 -32.07
N SER C 126 32.51 -30.80 -32.03
CA SER C 126 32.62 -31.60 -33.25
C SER C 126 31.24 -32.21 -33.56
N VAL C 127 30.81 -32.08 -34.81
CA VAL C 127 29.46 -32.41 -35.24
C VAL C 127 29.49 -33.60 -36.18
N TYR C 128 29.15 -34.79 -35.68
CA TYR C 128 29.15 -36.06 -36.40
C TYR C 128 27.78 -36.33 -37.00
N PRO C 129 27.72 -36.83 -38.25
CA PRO C 129 26.43 -37.20 -38.83
C PRO C 129 26.10 -38.65 -38.53
N LEU C 130 24.84 -38.94 -38.21
CA LEU C 130 24.38 -40.31 -37.97
C LEU C 130 23.54 -40.81 -39.16
N ALA C 131 24.03 -41.86 -39.81
CA ALA C 131 23.38 -42.55 -40.90
C ALA C 131 22.98 -43.97 -40.47
N PRO C 132 21.97 -44.56 -41.12
CA PRO C 132 21.56 -45.93 -40.77
C PRO C 132 22.61 -47.00 -41.08
N VAL C 133 22.25 -48.29 -40.91
CA VAL C 133 23.26 -49.36 -40.92
C VAL C 133 23.23 -50.20 -42.20
N CYS C 134 23.73 -49.63 -43.31
CA CYS C 134 23.98 -50.36 -44.56
C CYS C 134 22.73 -50.97 -45.23
N THR C 138 14.84 -52.52 -44.16
CA THR C 138 15.09 -51.14 -44.56
C THR C 138 14.03 -50.62 -45.55
N GLY C 139 12.90 -50.17 -45.00
CA GLY C 139 11.77 -49.73 -45.84
C GLY C 139 10.82 -48.77 -45.13
N SER C 140 9.94 -48.15 -45.90
CA SER C 140 8.95 -47.13 -45.45
C SER C 140 9.79 -45.99 -44.88
N SER C 141 9.49 -45.55 -43.66
CA SER C 141 10.13 -44.37 -43.04
C SER C 141 11.55 -44.69 -42.56
N VAL C 142 12.47 -43.78 -42.82
CA VAL C 142 13.88 -43.80 -42.41
C VAL C 142 14.12 -42.70 -41.36
N THR C 143 15.13 -42.91 -40.51
CA THR C 143 15.48 -41.95 -39.47
C THR C 143 16.99 -41.70 -39.47
N LEU C 144 17.34 -40.41 -39.44
CA LEU C 144 18.73 -39.94 -39.40
C LEU C 144 18.99 -39.21 -38.08
N GLY C 145 20.25 -38.80 -37.90
CA GLY C 145 20.67 -38.17 -36.67
C GLY C 145 21.84 -37.23 -36.87
N CYS C 146 22.07 -36.40 -35.85
CA CYS C 146 23.22 -35.51 -35.80
C CYS C 146 23.74 -35.52 -34.37
N LEU C 147 25.06 -35.59 -34.20
CA LEU C 147 25.66 -35.71 -32.86
C LEU C 147 26.57 -34.52 -32.63
N VAL C 148 26.19 -33.63 -31.72
CA VAL C 148 26.97 -32.46 -31.35
C VAL C 148 27.61 -32.76 -29.99
N LYS C 149 28.89 -33.12 -29.97
CA LYS C 149 29.52 -33.67 -28.77
C LYS C 149 30.66 -32.77 -28.30
N GLY C 150 30.79 -32.65 -26.97
CA GLY C 150 31.88 -31.94 -26.31
C GLY C 150 32.07 -30.47 -26.58
N TYR C 151 31.06 -29.65 -26.29
CA TYR C 151 31.14 -28.20 -26.48
C TYR C 151 30.88 -27.51 -25.15
N PHE C 152 31.09 -26.21 -25.12
CA PHE C 152 30.82 -25.39 -23.95
C PHE C 152 30.94 -23.92 -24.33
N PRO C 153 30.11 -23.02 -23.78
CA PRO C 153 28.94 -23.36 -22.97
C PRO C 153 27.70 -23.52 -23.79
N GLU C 154 26.58 -23.23 -23.15
CA GLU C 154 25.35 -23.17 -23.92
C GLU C 154 25.19 -21.76 -24.46
N PRO C 155 24.42 -21.60 -25.56
CA PRO C 155 23.76 -22.66 -26.33
C PRO C 155 24.38 -23.03 -27.69
N VAL C 156 23.92 -24.14 -28.29
CA VAL C 156 24.07 -24.38 -29.72
C VAL C 156 22.68 -24.30 -30.35
N THR C 157 22.66 -24.02 -31.65
CA THR C 157 21.44 -24.09 -32.44
C THR C 157 21.60 -25.21 -33.47
N LEU C 158 20.57 -26.05 -33.64
CA LEU C 158 20.57 -27.18 -34.57
C LEU C 158 19.30 -27.19 -35.40
N THR C 159 19.45 -27.06 -36.73
CA THR C 159 18.36 -27.18 -37.70
C THR C 159 18.70 -28.27 -38.75
N TRP C 160 17.76 -28.55 -39.67
CA TRP C 160 18.00 -29.43 -40.82
C TRP C 160 17.60 -28.74 -42.11
N ASN C 161 18.45 -28.86 -43.13
CA ASN C 161 18.27 -28.18 -44.42
C ASN C 161 17.95 -26.70 -44.22
N SER C 162 18.71 -26.08 -43.30
CA SER C 162 18.66 -24.65 -42.99
C SER C 162 17.32 -24.23 -42.39
N GLY C 163 16.56 -25.18 -41.87
CA GLY C 163 15.32 -24.87 -41.17
C GLY C 163 14.06 -25.25 -41.93
N SER C 164 14.17 -25.76 -43.16
CA SER C 164 12.98 -26.11 -43.95
C SER C 164 12.36 -27.43 -43.54
N LEU C 165 13.11 -28.28 -42.82
CA LEU C 165 12.64 -29.59 -42.36
C LEU C 165 12.31 -29.47 -40.87
N SER C 166 11.02 -29.31 -40.57
CA SER C 166 10.55 -29.06 -39.21
C SER C 166 9.70 -30.19 -38.63
N SER C 167 9.16 -31.08 -39.46
CA SER C 167 8.30 -32.17 -38.99
C SER C 167 9.13 -33.45 -38.84
N GLY C 168 8.81 -34.26 -37.84
CA GLY C 168 9.54 -35.49 -37.62
C GLY C 168 10.91 -35.32 -37.01
N VAL C 169 11.28 -34.09 -36.67
CA VAL C 169 12.55 -33.79 -36.02
C VAL C 169 12.37 -33.79 -34.50
N HIS C 170 13.33 -34.40 -33.79
CA HIS C 170 13.37 -34.54 -32.32
C HIS C 170 14.79 -34.17 -31.90
N THR C 171 15.05 -32.89 -31.72
CA THR C 171 16.33 -32.39 -31.21
C THR C 171 16.28 -32.28 -29.68
N PHE C 172 17.28 -33.00 -28.98
CA PHE C 172 17.32 -33.31 -27.55
C PHE C 172 18.04 -32.23 -26.76
N PRO C 173 17.58 -31.93 -25.54
CA PRO C 173 18.33 -31.00 -24.69
C PRO C 173 19.70 -31.54 -24.30
N ALA C 174 20.66 -30.60 -24.18
CA ALA C 174 22.04 -30.95 -23.87
C ALA C 174 22.17 -31.53 -22.47
N VAL C 175 23.18 -32.36 -22.27
CA VAL C 175 23.52 -32.87 -20.94
C VAL C 175 24.98 -32.65 -20.64
N LEU C 176 25.26 -32.13 -19.45
CA LEU C 176 26.63 -31.79 -19.06
C LEU C 176 27.30 -32.99 -18.41
N GLN C 177 28.53 -33.26 -18.82
CA GLN C 177 29.32 -34.39 -18.32
C GLN C 177 30.78 -33.96 -18.35
N SER C 178 31.40 -33.87 -17.17
CA SER C 178 32.78 -33.39 -17.02
C SER C 178 33.04 -32.12 -17.85
N ASP C 179 32.21 -31.11 -17.60
CA ASP C 179 32.38 -29.75 -18.13
C ASP C 179 32.27 -29.68 -19.66
N LEU C 180 31.53 -30.62 -20.27
CA LEU C 180 31.33 -30.65 -21.72
C LEU C 180 29.89 -31.03 -22.09
N TYR C 181 29.23 -30.17 -22.86
CA TYR C 181 27.87 -30.46 -23.30
C TYR C 181 27.88 -31.41 -24.51
N THR C 182 26.95 -32.38 -24.47
CA THR C 182 26.65 -33.24 -25.61
C THR C 182 25.18 -33.16 -25.95
N LEU C 183 24.91 -32.99 -27.24
CA LEU C 183 23.56 -32.83 -27.76
C LEU C 183 23.43 -33.70 -29.01
N SER C 184 22.20 -34.15 -29.28
CA SER C 184 21.94 -34.95 -30.46
C SER C 184 20.58 -34.55 -31.01
N SER C 185 20.38 -34.78 -32.31
CA SER C 185 19.07 -34.52 -32.90
C SER C 185 18.70 -35.68 -33.81
N SER C 186 17.38 -35.93 -33.87
CA SER C 186 16.75 -37.00 -34.61
C SER C 186 15.79 -36.41 -35.64
N VAL C 187 15.90 -36.86 -36.90
CA VAL C 187 14.95 -36.48 -37.94
C VAL C 187 14.53 -37.74 -38.67
N THR C 188 13.22 -37.92 -38.85
CA THR C 188 12.71 -38.99 -39.69
C THR C 188 11.99 -38.41 -40.91
N VAL C 189 12.24 -39.05 -42.05
CA VAL C 189 11.65 -38.72 -43.33
C VAL C 189 11.25 -40.04 -43.99
N THR C 190 10.38 -39.95 -44.99
CA THR C 190 9.96 -41.13 -45.77
C THR C 190 11.14 -41.79 -46.49
N SER C 191 11.06 -43.11 -46.67
CA SER C 191 12.15 -43.87 -47.29
C SER C 191 12.36 -43.46 -48.74
N SER C 192 11.41 -42.73 -49.32
CA SER C 192 11.52 -42.17 -50.66
C SER C 192 12.17 -40.79 -50.69
N THR C 193 12.22 -40.07 -49.55
CA THR C 193 12.85 -38.75 -49.51
C THR C 193 14.36 -38.81 -49.30
N TRP C 194 14.90 -39.90 -48.74
CA TRP C 194 16.33 -40.04 -48.45
C TRP C 194 16.80 -41.42 -48.87
N PRO C 195 18.02 -41.56 -49.44
CA PRO C 195 18.91 -40.45 -49.78
C PRO C 195 18.65 -39.85 -51.15
N SER C 196 17.40 -39.97 -51.61
CA SER C 196 16.92 -39.33 -52.83
C SER C 196 17.31 -37.86 -52.85
N GLN C 197 16.77 -37.09 -51.90
CA GLN C 197 17.16 -35.72 -51.63
C GLN C 197 18.40 -35.70 -50.73
N SER C 198 18.78 -34.54 -50.23
CA SER C 198 19.90 -34.44 -49.31
C SER C 198 19.42 -33.82 -48.01
N ILE C 199 19.93 -34.36 -46.92
CA ILE C 199 19.63 -33.90 -45.58
C ILE C 199 20.95 -33.41 -44.97
N THR C 200 21.05 -32.11 -44.73
CA THR C 200 22.18 -31.52 -44.03
C THR C 200 21.78 -31.15 -42.62
N CYS C 201 22.76 -31.18 -41.73
CA CYS C 201 22.64 -30.83 -40.31
C CYS C 201 23.36 -29.51 -40.08
N ASN C 202 22.61 -28.45 -39.79
CA ASN C 202 23.19 -27.11 -39.62
C ASN C 202 23.35 -26.81 -38.12
N VAL C 203 24.60 -26.67 -37.66
CA VAL C 203 24.92 -26.48 -36.24
C VAL C 203 25.68 -25.17 -36.04
N ALA C 204 25.26 -24.37 -35.06
CA ALA C 204 25.88 -23.08 -34.79
C ALA C 204 26.20 -22.92 -33.31
N HIS C 205 27.45 -22.57 -33.02
CA HIS C 205 27.93 -22.35 -31.66
C HIS C 205 28.65 -21.02 -31.61
N PRO C 206 27.91 -19.90 -31.45
CA PRO C 206 28.54 -18.58 -31.59
C PRO C 206 29.54 -18.27 -30.50
N ALA C 207 29.40 -18.88 -29.31
CA ALA C 207 30.39 -18.73 -28.25
C ALA C 207 31.80 -19.10 -28.70
N SER C 208 31.96 -19.88 -29.76
CA SER C 208 33.27 -20.35 -30.16
C SER C 208 33.52 -20.12 -31.65
N SER C 209 32.61 -19.42 -32.33
CA SER C 209 32.80 -18.99 -33.71
C SER C 209 32.80 -20.20 -34.65
N THR C 210 31.99 -21.20 -34.30
CA THR C 210 31.77 -22.42 -35.06
C THR C 210 30.43 -22.33 -35.78
N LYS C 211 30.45 -22.50 -37.12
CA LYS C 211 29.21 -22.63 -37.92
C LYS C 211 29.49 -23.71 -38.97
N VAL C 212 29.16 -24.96 -38.64
CA VAL C 212 29.44 -26.09 -39.52
C VAL C 212 28.12 -26.66 -40.06
N ASP C 213 28.16 -27.13 -41.30
CA ASP C 213 27.11 -27.96 -41.90
C ASP C 213 27.66 -29.36 -42.12
N LYS C 214 26.79 -30.36 -41.97
CA LYS C 214 27.19 -31.76 -42.08
C LYS C 214 26.12 -32.52 -42.85
N LYS C 215 26.46 -32.98 -44.04
CA LYS C 215 25.50 -33.67 -44.89
C LYS C 215 25.48 -35.16 -44.55
N ILE C 216 24.29 -35.73 -44.47
CA ILE C 216 24.12 -37.14 -44.15
C ILE C 216 24.23 -37.97 -45.43
N GLU C 217 25.16 -38.93 -45.43
CA GLU C 217 25.38 -39.80 -46.61
C GLU C 217 25.41 -41.26 -46.16
N PRO C 218 24.96 -42.22 -47.00
CA PRO C 218 24.96 -43.64 -46.63
C PRO C 218 26.37 -44.23 -46.69
N ARG C 219 26.59 -45.35 -45.98
CA ARG C 219 27.92 -46.01 -45.95
C ARG C 219 27.99 -47.06 -47.07
#